data_5VEW
#
_entry.id   5VEW
#
_cell.length_a   64.770
_cell.length_b   66.430
_cell.length_c   83.440
_cell.angle_alpha   90.54
_cell.angle_beta   90.18
_cell.angle_gamma   107.73
#
_symmetry.space_group_name_H-M   'P 1'
#
loop_
_entity.id
_entity.type
_entity.pdbx_description
1 polymer 'Glucagon-like peptide 1 receptor,Endolysin chimera'
2 non-polymer N-{4-[(R)-(3,3-dimethylcyclobutyl)({6-[4-(trifluoromethyl)-1H-imidazol-1-yl]pyridin-3-yl}amino)methyl]benzene-1-carbonyl}-beta-alanine
3 non-polymer '(2R)-2,3-dihydroxypropyl (9Z)-octadec-9-enoate'
4 non-polymer 'OLEIC ACID'
5 water water
#
_entity_poly.entity_id   1
_entity_poly.type   'polypeptide(L)'
_entity_poly.pdbx_seq_one_letter_code
;SESKRGERSSPEEQLLFLYIIYTVGYALSFSALVIASAILLGFRHLHCTRNYIHLNLFASFILRALCVFFKDAALKWMGS
GDGLLSYQDSLACRLVFLL(CSD)QYCVAANYYWLLVEGVYLYTLLAFNIFEMLRIDEGLRLKIYKDTEGYYTIGIGHLL
TKSPSLNAAKSELDKAIGRNTNGVITKDEAEKLFNQDVDAAVRGILRNAKLKPVYDSLDAVRRAALINMVFQMGETGVAG
FTNSLRMLQQKRWDEAAVNLAKSRWYNQTPNRAKRVITTFRTGTWDAYSEQWIFRLYVAIGWGVPLLFVVPWGIVKYLYE
DEGCWTRNSNMNYWLIIRLPILFACIVNFLIFVRVICIVVSKLKANLMCKTDIAFRLAKSTLTLIPLLCTHEVIFAFVMD
EHARGTLRFIKLFTELSFTSFQGLMVAILYCFVNNEVQLEFRKSWERWRLEHLHIQRDS
;
_entity_poly.pdbx_strand_id   A,B
#
# COMPACT_ATOMS: atom_id res chain seq x y z
N SER A 10 -0.18 20.86 24.27
CA SER A 10 -0.97 20.46 25.43
C SER A 10 -1.53 19.03 25.25
N PRO A 11 -1.61 18.21 26.34
CA PRO A 11 -2.11 16.82 26.18
C PRO A 11 -3.63 16.75 26.02
N GLU A 12 -4.40 17.54 26.80
CA GLU A 12 -5.86 17.55 26.77
C GLU A 12 -6.37 18.23 25.49
N GLU A 13 -5.66 19.28 25.00
CA GLU A 13 -6.01 20.02 23.78
C GLU A 13 -5.84 19.15 22.54
N GLN A 14 -4.82 18.26 22.53
CA GLN A 14 -4.54 17.34 21.43
C GLN A 14 -5.63 16.28 21.30
N LEU A 15 -6.11 15.74 22.45
CA LEU A 15 -7.17 14.71 22.49
C LEU A 15 -8.54 15.29 22.11
N LEU A 16 -8.77 16.60 22.35
CA LEU A 16 -10.03 17.27 22.05
C LEU A 16 -10.10 17.68 20.57
N PHE A 17 -8.97 18.12 19.98
CA PHE A 17 -8.88 18.55 18.58
C PHE A 17 -9.07 17.36 17.62
N LEU A 18 -8.48 16.19 17.95
CA LEU A 18 -8.60 14.96 17.14
C LEU A 18 -10.04 14.43 17.16
N TYR A 19 -10.79 14.71 18.23
CA TYR A 19 -12.19 14.34 18.39
C TYR A 19 -13.07 15.15 17.42
N ILE A 20 -12.73 16.44 17.21
CA ILE A 20 -13.47 17.36 16.34
C ILE A 20 -13.32 16.93 14.86
N ILE A 21 -12.07 16.72 14.37
CA ILE A 21 -11.81 16.36 12.96
C ILE A 21 -12.40 14.94 12.67
N TYR A 22 -12.56 14.09 13.71
CA TYR A 22 -13.13 12.74 13.57
C TYR A 22 -14.66 12.84 13.44
N THR A 23 -15.30 13.59 14.36
CA THR A 23 -16.76 13.74 14.38
C THR A 23 -17.25 14.60 13.20
N VAL A 24 -16.46 15.62 12.75
CA VAL A 24 -16.89 16.42 11.59
C VAL A 24 -16.64 15.59 10.32
N GLY A 25 -15.68 14.67 10.39
CA GLY A 25 -15.36 13.75 9.31
C GLY A 25 -16.54 12.83 9.00
N TYR A 26 -17.20 12.29 10.06
CA TYR A 26 -18.38 11.43 9.92
C TYR A 26 -19.64 12.27 9.68
N ALA A 27 -19.66 13.55 10.12
CA ALA A 27 -20.80 14.43 9.87
C ALA A 27 -20.86 14.81 8.37
N LEU A 28 -19.68 15.11 7.78
CA LEU A 28 -19.52 15.44 6.36
C LEU A 28 -19.70 14.21 5.48
N SER A 29 -19.28 13.01 5.96
CA SER A 29 -19.43 11.76 5.22
C SER A 29 -20.89 11.27 5.23
N PHE A 30 -21.56 11.29 6.40
CA PHE A 30 -22.96 10.85 6.54
C PHE A 30 -23.87 11.65 5.62
N SER A 31 -23.84 13.00 5.73
CA SER A 31 -24.65 13.92 4.94
C SER A 31 -24.39 13.75 3.44
N ALA A 32 -23.10 13.64 3.03
CA ALA A 32 -22.70 13.47 1.62
C ALA A 32 -23.18 12.13 1.06
N LEU A 33 -23.15 11.05 1.87
CA LEU A 33 -23.57 9.72 1.43
C LEU A 33 -25.10 9.62 1.35
N VAL A 34 -25.83 10.34 2.23
CA VAL A 34 -27.30 10.38 2.21
C VAL A 34 -27.73 11.17 0.95
N ILE A 35 -27.05 12.31 0.68
CA ILE A 35 -27.30 13.16 -0.50
C ILE A 35 -26.94 12.36 -1.77
N ALA A 36 -25.74 11.74 -1.82
CA ALA A 36 -25.28 10.94 -2.97
C ALA A 36 -26.23 9.78 -3.28
N SER A 37 -26.67 9.04 -2.24
CA SER A 37 -27.58 7.91 -2.43
C SER A 37 -28.97 8.39 -2.88
N ALA A 38 -29.37 9.61 -2.46
CA ALA A 38 -30.65 10.22 -2.88
C ALA A 38 -30.59 10.62 -4.37
N ILE A 39 -29.39 10.99 -4.87
CA ILE A 39 -29.17 11.35 -6.27
C ILE A 39 -29.30 10.10 -7.16
N LEU A 40 -28.60 8.99 -6.80
CA LEU A 40 -28.63 7.74 -7.58
C LEU A 40 -30.05 7.11 -7.60
N LEU A 41 -30.84 7.28 -6.52
CA LEU A 41 -32.22 6.76 -6.45
C LEU A 41 -33.23 7.73 -7.11
N GLY A 42 -32.99 9.03 -6.95
CA GLY A 42 -33.85 10.10 -7.47
C GLY A 42 -33.98 10.15 -8.97
N PHE A 43 -32.84 10.13 -9.70
CA PHE A 43 -32.83 10.18 -11.16
C PHE A 43 -32.96 8.76 -11.71
N ARG A 44 -34.01 8.54 -12.53
CA ARG A 44 -34.38 7.24 -13.11
C ARG A 44 -33.29 6.69 -14.05
N HIS A 45 -32.60 7.56 -14.80
CA HIS A 45 -31.55 7.17 -15.75
C HIS A 45 -30.30 6.61 -15.04
N LEU A 46 -30.19 6.84 -13.72
CA LEU A 46 -29.05 6.38 -12.92
C LEU A 46 -29.32 4.98 -12.31
N HIS A 47 -30.46 4.35 -12.65
CA HIS A 47 -30.80 3.02 -12.14
C HIS A 47 -30.12 1.92 -12.99
N CYS A 48 -28.86 1.63 -12.68
CA CYS A 48 -28.09 0.56 -13.34
C CYS A 48 -27.28 -0.20 -12.29
N THR A 49 -26.91 -1.48 -12.61
CA THR A 49 -26.19 -2.41 -11.71
C THR A 49 -24.93 -1.74 -11.09
N ARG A 50 -24.19 -0.91 -11.86
CA ARG A 50 -23.02 -0.19 -11.38
C ARG A 50 -23.39 0.71 -10.19
N ASN A 51 -24.46 1.51 -10.32
CA ASN A 51 -24.87 2.42 -9.25
C ASN A 51 -25.57 1.68 -8.11
N TYR A 52 -26.23 0.50 -8.37
CA TYR A 52 -26.85 -0.28 -7.30
C TYR A 52 -25.77 -0.85 -6.35
N ILE A 53 -24.60 -1.24 -6.91
CA ILE A 53 -23.43 -1.74 -6.17
C ILE A 53 -22.92 -0.60 -5.24
N HIS A 54 -22.90 0.64 -5.77
CA HIS A 54 -22.50 1.86 -5.05
C HIS A 54 -23.45 2.16 -3.87
N LEU A 55 -24.77 1.96 -4.06
CA LEU A 55 -25.80 2.23 -3.03
C LEU A 55 -25.62 1.31 -1.81
N ASN A 56 -25.20 0.05 -2.02
CA ASN A 56 -24.94 -0.88 -0.92
C ASN A 56 -23.65 -0.50 -0.22
N LEU A 57 -22.67 0.03 -1.00
CA LEU A 57 -21.39 0.49 -0.47
C LEU A 57 -21.62 1.75 0.38
N PHE A 58 -22.50 2.69 -0.09
CA PHE A 58 -22.82 3.89 0.67
C PHE A 58 -23.52 3.54 1.97
N ALA A 59 -24.46 2.56 1.91
CA ALA A 59 -25.23 2.06 3.05
C ALA A 59 -24.31 1.52 4.14
N SER A 60 -23.23 0.80 3.77
CA SER A 60 -22.29 0.26 4.75
C SER A 60 -21.51 1.40 5.45
N PHE A 61 -21.20 2.50 4.72
CA PHE A 61 -20.52 3.67 5.32
C PHE A 61 -21.52 4.51 6.13
N ILE A 62 -22.81 4.55 5.72
CA ILE A 62 -23.86 5.29 6.43
C ILE A 62 -24.13 4.62 7.81
N LEU A 63 -24.29 3.27 7.85
CA LEU A 63 -24.52 2.53 9.10
C LEU A 63 -23.31 2.59 10.03
N ARG A 64 -22.08 2.64 9.48
CA ARG A 64 -20.85 2.78 10.25
C ARG A 64 -20.86 4.11 10.99
N ALA A 65 -21.29 5.20 10.28
CA ALA A 65 -21.41 6.56 10.83
C ALA A 65 -22.46 6.60 11.94
N LEU A 66 -23.59 5.89 11.74
CA LEU A 66 -24.70 5.78 12.72
C LEU A 66 -24.20 5.16 14.05
N CYS A 67 -23.28 4.17 13.97
CA CYS A 67 -22.66 3.53 15.14
C CYS A 67 -21.79 4.53 15.88
N VAL A 68 -21.04 5.35 15.14
CA VAL A 68 -20.14 6.36 15.69
C VAL A 68 -20.97 7.47 16.39
N PHE A 69 -22.11 7.89 15.80
CA PHE A 69 -22.95 8.92 16.40
C PHE A 69 -23.72 8.37 17.61
N PHE A 70 -24.08 7.07 17.57
CA PHE A 70 -24.83 6.44 18.67
C PHE A 70 -23.91 6.22 19.88
N LYS A 71 -22.63 5.84 19.65
CA LYS A 71 -21.64 5.62 20.72
C LYS A 71 -21.38 6.94 21.45
N ASP A 72 -21.24 8.04 20.67
CA ASP A 72 -20.98 9.39 21.16
C ASP A 72 -22.20 9.95 21.92
N ALA A 73 -23.43 9.65 21.43
CA ALA A 73 -24.68 10.11 22.07
C ALA A 73 -24.93 9.38 23.40
N ALA A 74 -24.37 8.16 23.54
CA ALA A 74 -24.50 7.32 24.73
C ALA A 74 -23.52 7.76 25.83
N LEU A 75 -22.52 8.63 25.51
CA LEU A 75 -21.57 9.17 26.48
C LEU A 75 -22.32 10.02 27.51
N LYS A 76 -23.38 10.74 27.06
CA LYS A 76 -24.24 11.52 27.95
C LYS A 76 -25.21 10.54 28.64
N TRP A 77 -24.91 10.23 29.94
CA TRP A 77 -25.64 9.31 30.82
C TRP A 77 -25.62 7.90 30.24
N LEU A 85 -23.91 2.29 36.47
CA LEU A 85 -22.97 1.49 35.67
C LEU A 85 -22.53 2.26 34.42
N SER A 86 -21.20 2.30 34.17
CA SER A 86 -20.60 2.99 33.03
C SER A 86 -21.00 2.32 31.70
N TYR A 87 -20.89 3.09 30.59
CA TYR A 87 -21.24 2.64 29.23
C TYR A 87 -20.31 1.50 28.78
N GLN A 88 -19.04 1.46 29.25
CA GLN A 88 -18.07 0.41 28.90
C GLN A 88 -18.52 -0.98 29.42
N ASP A 89 -19.25 -1.01 30.55
CA ASP A 89 -19.75 -2.23 31.19
C ASP A 89 -21.11 -2.68 30.62
N SER A 90 -21.85 -1.79 29.93
CA SER A 90 -23.18 -2.09 29.38
C SER A 90 -23.10 -3.08 28.19
N LEU A 91 -24.22 -3.76 27.90
CA LEU A 91 -24.36 -4.72 26.82
C LEU A 91 -24.66 -3.97 25.50
N ALA A 92 -25.34 -2.80 25.62
CA ALA A 92 -25.71 -1.94 24.48
C ALA A 92 -24.48 -1.50 23.69
N CYS A 93 -23.39 -1.14 24.38
CA CYS A 93 -22.13 -0.72 23.78
C CYS A 93 -21.51 -1.83 22.93
N ARG A 94 -21.54 -3.06 23.44
CA ARG A 94 -20.97 -4.26 22.82
C ARG A 94 -21.69 -4.56 21.50
N LEU A 95 -23.02 -4.31 21.44
CA LEU A 95 -23.85 -4.51 20.24
C LEU A 95 -23.55 -3.45 19.18
N VAL A 96 -23.42 -2.16 19.61
CA VAL A 96 -23.11 -1.01 18.75
C VAL A 96 -21.71 -1.24 18.15
N PHE A 97 -20.79 -1.83 18.95
CA PHE A 97 -19.44 -2.14 18.51
C PHE A 97 -19.46 -3.34 17.55
N LEU A 98 -20.31 -4.36 17.81
CA LEU A 98 -20.47 -5.54 16.95
C LEU A 98 -21.06 -5.13 15.58
N LEU A 99 -22.04 -4.20 15.59
CA LEU A 99 -22.66 -3.66 14.39
C LEU A 99 -21.64 -2.82 13.61
N GLN A 101 -18.31 -3.22 13.66
CA GLN A 101 -17.37 -4.18 13.06
C GLN A 101 -17.99 -4.91 11.87
N TYR A 102 -19.34 -5.04 11.82
CA TYR A 102 -20.02 -5.64 10.67
C TYR A 102 -19.98 -4.68 9.47
N CYS A 103 -20.14 -3.36 9.74
CA CYS A 103 -20.10 -2.29 8.73
C CYS A 103 -18.69 -2.18 8.15
N VAL A 104 -17.64 -2.32 8.99
CA VAL A 104 -16.25 -2.24 8.52
C VAL A 104 -15.98 -3.39 7.52
N ALA A 105 -16.39 -4.63 7.86
CA ALA A 105 -16.21 -5.80 6.98
C ALA A 105 -17.00 -5.65 5.67
N ALA A 106 -18.21 -5.06 5.73
CA ALA A 106 -19.07 -4.79 4.58
C ALA A 106 -18.43 -3.77 3.64
N ASN A 107 -17.76 -2.72 4.20
CA ASN A 107 -17.06 -1.71 3.42
C ASN A 107 -16.04 -2.35 2.50
N TYR A 108 -15.25 -3.32 3.03
CA TYR A 108 -14.17 -4.00 2.31
C TYR A 108 -14.70 -5.09 1.38
N TYR A 109 -15.87 -5.70 1.67
CA TYR A 109 -16.38 -6.74 0.77
C TYR A 109 -17.25 -6.09 -0.34
N TRP A 110 -17.87 -4.92 -0.09
CA TRP A 110 -18.57 -4.19 -1.16
C TRP A 110 -17.52 -3.50 -2.04
N LEU A 111 -16.29 -3.28 -1.53
CA LEU A 111 -15.17 -2.74 -2.29
C LEU A 111 -14.57 -3.85 -3.17
N LEU A 112 -14.73 -5.13 -2.75
CA LEU A 112 -14.28 -6.30 -3.50
C LEU A 112 -15.20 -6.53 -4.70
N VAL A 113 -16.54 -6.48 -4.52
CA VAL A 113 -17.47 -6.66 -5.63
C VAL A 113 -17.37 -5.46 -6.60
N GLU A 114 -16.92 -4.29 -6.07
CA GLU A 114 -16.73 -3.06 -6.83
C GLU A 114 -15.56 -3.24 -7.81
N GLY A 115 -14.54 -3.99 -7.37
CA GLY A 115 -13.38 -4.36 -8.17
C GLY A 115 -13.72 -5.50 -9.12
N VAL A 116 -14.43 -6.54 -8.62
CA VAL A 116 -14.85 -7.74 -9.39
C VAL A 116 -15.77 -7.31 -10.56
N TYR A 117 -16.72 -6.38 -10.30
CA TYR A 117 -17.60 -5.84 -11.35
C TYR A 117 -16.79 -5.12 -12.43
N LEU A 118 -15.89 -4.20 -12.03
CA LEU A 118 -15.02 -3.43 -12.91
C LEU A 118 -14.22 -4.35 -13.85
N TYR A 119 -13.62 -5.42 -13.28
CA TYR A 119 -12.81 -6.38 -14.02
C TYR A 119 -13.67 -7.08 -15.10
N THR A 120 -14.91 -7.51 -14.75
CA THR A 120 -15.81 -8.17 -15.72
C THR A 120 -16.34 -7.14 -16.78
N LEU A 121 -16.44 -5.86 -16.40
CA LEU A 121 -16.86 -4.75 -17.27
C LEU A 121 -15.80 -4.54 -18.39
N LEU A 122 -14.50 -4.73 -18.04
CA LEU A 122 -13.37 -4.63 -18.97
C LEU A 122 -13.30 -5.87 -19.89
N ALA A 123 -13.87 -7.01 -19.44
CA ALA A 123 -13.85 -8.28 -20.15
C ALA A 123 -15.00 -8.40 -21.19
N PHE A 124 -16.12 -7.68 -20.98
CA PHE A 124 -17.25 -7.76 -21.90
C PHE A 124 -17.05 -6.77 -23.04
N ASN A 125 -17.30 -7.23 -24.26
CA ASN A 125 -17.14 -6.47 -25.50
C ASN A 125 -18.18 -6.94 -26.54
N ILE A 126 -18.08 -6.43 -27.79
CA ILE A 126 -18.96 -6.77 -28.92
C ILE A 126 -18.87 -8.28 -29.25
N PHE A 127 -17.66 -8.87 -29.16
CA PHE A 127 -17.43 -10.28 -29.47
C PHE A 127 -18.18 -11.18 -28.48
N GLU A 128 -18.27 -10.77 -27.21
CA GLU A 128 -19.00 -11.53 -26.19
C GLU A 128 -20.52 -11.24 -26.28
N MET A 129 -20.89 -10.02 -26.75
CA MET A 129 -22.27 -9.59 -26.97
C MET A 129 -22.91 -10.45 -28.07
N LEU A 130 -22.22 -10.55 -29.24
CA LEU A 130 -22.68 -11.31 -30.42
C LEU A 130 -22.66 -12.83 -30.21
N ARG A 131 -21.73 -13.35 -29.37
CA ARG A 131 -21.65 -14.79 -29.10
C ARG A 131 -22.89 -15.26 -28.33
N ILE A 132 -23.53 -14.34 -27.58
CA ILE A 132 -24.75 -14.57 -26.82
C ILE A 132 -25.96 -14.52 -27.77
N ASP A 133 -26.03 -13.48 -28.61
CA ASP A 133 -27.17 -13.28 -29.52
C ASP A 133 -27.16 -14.23 -30.73
N GLU A 134 -26.01 -14.42 -31.40
CA GLU A 134 -25.91 -15.24 -32.61
C GLU A 134 -25.71 -16.76 -32.33
N GLY A 135 -25.10 -17.09 -31.19
CA GLY A 135 -24.83 -18.48 -30.83
C GLY A 135 -23.72 -19.12 -31.65
N LEU A 136 -23.52 -20.44 -31.52
CA LEU A 136 -22.45 -21.13 -32.25
C LEU A 136 -22.96 -22.37 -32.99
N ARG A 137 -22.55 -22.51 -34.26
CA ARG A 137 -22.89 -23.66 -35.09
C ARG A 137 -21.62 -24.38 -35.54
N LEU A 138 -21.59 -25.69 -35.36
CA LEU A 138 -20.45 -26.52 -35.75
C LEU A 138 -20.61 -26.97 -37.22
N LYS A 139 -21.85 -27.31 -37.61
CA LYS A 139 -22.21 -27.79 -38.95
C LYS A 139 -23.04 -26.74 -39.71
N ILE A 140 -23.03 -26.80 -41.06
CA ILE A 140 -23.78 -25.91 -41.97
C ILE A 140 -25.29 -26.09 -41.73
N TYR A 141 -26.05 -24.97 -41.58
CA TYR A 141 -27.49 -25.03 -41.33
C TYR A 141 -28.27 -24.08 -42.26
N LYS A 142 -29.36 -24.59 -42.86
CA LYS A 142 -30.25 -23.80 -43.72
C LYS A 142 -31.32 -23.16 -42.83
N ASP A 143 -31.19 -21.83 -42.58
CA ASP A 143 -32.10 -21.08 -41.71
C ASP A 143 -33.40 -20.72 -42.46
N THR A 144 -34.43 -20.26 -41.72
CA THR A 144 -35.79 -19.91 -42.17
C THR A 144 -35.84 -18.98 -43.41
N GLU A 145 -34.83 -18.12 -43.59
CA GLU A 145 -34.82 -17.14 -44.69
C GLU A 145 -34.24 -17.73 -45.98
N GLY A 146 -33.69 -18.94 -45.91
CA GLY A 146 -33.11 -19.63 -47.05
C GLY A 146 -31.60 -19.49 -47.16
N TYR A 147 -30.99 -18.75 -46.22
CA TYR A 147 -29.53 -18.52 -46.15
C TYR A 147 -28.85 -19.63 -45.35
N TYR A 148 -27.74 -20.18 -45.87
CA TYR A 148 -26.95 -21.18 -45.16
C TYR A 148 -26.03 -20.46 -44.18
N THR A 149 -26.06 -20.86 -42.91
CA THR A 149 -25.26 -20.22 -41.85
C THR A 149 -24.41 -21.27 -41.11
N ILE A 150 -23.32 -20.81 -40.47
CA ILE A 150 -22.38 -21.64 -39.68
C ILE A 150 -21.53 -20.70 -38.78
N GLY A 151 -20.90 -21.26 -37.74
CA GLY A 151 -20.06 -20.53 -36.79
C GLY A 151 -20.85 -19.58 -35.92
N ILE A 152 -20.35 -18.34 -35.76
CA ILE A 152 -21.07 -17.34 -34.97
C ILE A 152 -21.69 -16.33 -35.97
N GLY A 153 -22.92 -16.66 -36.41
CA GLY A 153 -23.74 -15.88 -37.33
C GLY A 153 -23.15 -15.58 -38.69
N HIS A 154 -22.34 -16.52 -39.23
CA HIS A 154 -21.72 -16.29 -40.53
C HIS A 154 -22.63 -16.82 -41.65
N LEU A 155 -23.42 -15.91 -42.25
CA LEU A 155 -24.28 -16.23 -43.39
C LEU A 155 -23.44 -16.40 -44.63
N LEU A 156 -23.72 -17.42 -45.43
CA LEU A 156 -22.98 -17.70 -46.65
C LEU A 156 -23.76 -17.15 -47.86
N THR A 157 -24.55 -17.99 -48.57
CA THR A 157 -25.34 -17.57 -49.73
C THR A 157 -26.77 -18.12 -49.59
N LYS A 158 -27.76 -17.39 -50.15
CA LYS A 158 -29.18 -17.76 -50.13
C LYS A 158 -29.45 -18.89 -51.14
N SER A 159 -28.49 -19.13 -52.07
CA SER A 159 -28.53 -20.16 -53.11
C SER A 159 -28.93 -21.53 -52.50
N PRO A 160 -30.12 -22.08 -52.90
CA PRO A 160 -30.56 -23.36 -52.31
C PRO A 160 -29.78 -24.55 -52.90
N SER A 161 -28.53 -24.72 -52.39
CA SER A 161 -27.59 -25.77 -52.79
C SER A 161 -26.54 -25.98 -51.71
N LEU A 162 -26.68 -27.06 -50.91
CA LEU A 162 -25.77 -27.43 -49.83
C LEU A 162 -24.38 -27.77 -50.38
N ASN A 163 -24.33 -28.35 -51.60
CA ASN A 163 -23.10 -28.71 -52.32
C ASN A 163 -22.31 -27.46 -52.67
N ALA A 164 -22.99 -26.39 -53.12
CA ALA A 164 -22.36 -25.11 -53.46
C ALA A 164 -22.09 -24.27 -52.21
N ALA A 165 -22.93 -24.43 -51.15
CA ALA A 165 -22.75 -23.73 -49.87
C ALA A 165 -21.50 -24.22 -49.16
N LYS A 166 -21.22 -25.54 -49.25
CA LYS A 166 -20.03 -26.18 -48.68
C LYS A 166 -18.78 -25.71 -49.42
N SER A 167 -18.89 -25.53 -50.76
CA SER A 167 -17.80 -25.06 -51.61
C SER A 167 -17.56 -23.56 -51.39
N GLU A 168 -18.64 -22.79 -51.15
CA GLU A 168 -18.57 -21.35 -50.87
C GLU A 168 -17.86 -21.11 -49.54
N LEU A 169 -18.08 -22.02 -48.58
CA LEU A 169 -17.47 -21.98 -47.27
C LEU A 169 -16.02 -22.50 -47.34
N ASP A 170 -15.74 -23.47 -48.26
CA ASP A 170 -14.42 -24.08 -48.47
C ASP A 170 -13.36 -23.02 -48.87
N LYS A 171 -13.73 -22.07 -49.75
CA LYS A 171 -12.85 -20.98 -50.17
C LYS A 171 -12.75 -19.94 -49.05
N ALA A 172 -13.81 -19.82 -48.24
CA ALA A 172 -13.89 -18.87 -47.13
C ALA A 172 -13.26 -19.45 -45.83
N ILE A 173 -12.62 -20.64 -45.89
CA ILE A 173 -12.01 -21.23 -44.69
C ILE A 173 -10.52 -21.64 -45.00
N GLY A 174 -10.26 -22.07 -46.24
CA GLY A 174 -8.93 -22.49 -46.68
C GLY A 174 -8.88 -23.92 -47.19
N ARG A 175 -9.20 -24.89 -46.31
CA ARG A 175 -9.19 -26.33 -46.64
C ARG A 175 -10.61 -26.82 -47.01
N ASN A 176 -10.77 -28.16 -47.20
CA ASN A 176 -12.08 -28.75 -47.51
C ASN A 176 -12.91 -28.81 -46.23
N THR A 177 -14.19 -28.42 -46.32
CA THR A 177 -15.10 -28.32 -45.17
C THR A 177 -15.68 -29.68 -44.74
N ASN A 178 -16.33 -30.42 -45.69
CA ASN A 178 -17.04 -31.69 -45.46
C ASN A 178 -18.39 -31.41 -44.74
N GLY A 179 -18.42 -30.35 -43.94
CA GLY A 179 -19.60 -29.92 -43.20
C GLY A 179 -19.28 -29.38 -41.82
N VAL A 180 -18.43 -30.11 -41.07
CA VAL A 180 -18.03 -29.78 -39.69
C VAL A 180 -16.82 -28.81 -39.72
N ILE A 181 -16.94 -27.67 -38.98
CA ILE A 181 -15.93 -26.63 -38.83
C ILE A 181 -15.64 -26.46 -37.32
N THR A 182 -14.34 -26.51 -36.93
CA THR A 182 -13.89 -26.44 -35.53
C THR A 182 -14.18 -25.06 -34.90
N LYS A 183 -14.18 -25.02 -33.55
CA LYS A 183 -14.43 -23.85 -32.70
C LYS A 183 -13.44 -22.69 -33.00
N ASP A 184 -12.16 -23.01 -33.33
CA ASP A 184 -11.15 -22.01 -33.63
C ASP A 184 -11.37 -21.38 -35.02
N GLU A 185 -11.74 -22.21 -36.02
CA GLU A 185 -12.04 -21.74 -37.39
C GLU A 185 -13.26 -20.81 -37.40
N ALA A 186 -14.27 -21.10 -36.55
CA ALA A 186 -15.48 -20.29 -36.40
C ALA A 186 -15.15 -18.92 -35.78
N GLU A 187 -14.23 -18.88 -34.79
CA GLU A 187 -13.75 -17.65 -34.13
C GLU A 187 -12.90 -16.82 -35.08
N LYS A 188 -12.17 -17.48 -35.99
CA LYS A 188 -11.35 -16.84 -37.03
C LYS A 188 -12.28 -16.11 -38.02
N LEU A 189 -13.36 -16.83 -38.48
CA LEU A 189 -14.37 -16.30 -39.39
C LEU A 189 -15.24 -15.24 -38.69
N PHE A 190 -15.42 -15.36 -37.36
CA PHE A 190 -16.18 -14.40 -36.55
C PHE A 190 -15.46 -13.04 -36.52
N ASN A 191 -14.11 -13.03 -36.30
CA ASN A 191 -13.30 -11.81 -36.29
C ASN A 191 -13.38 -11.11 -37.64
N GLN A 192 -13.45 -11.88 -38.74
CA GLN A 192 -13.58 -11.38 -40.12
C GLN A 192 -14.89 -10.62 -40.30
N ASP A 193 -16.02 -11.24 -39.86
CA ASP A 193 -17.38 -10.69 -39.97
C ASP A 193 -17.54 -9.42 -39.13
N VAL A 194 -16.95 -9.37 -37.91
CA VAL A 194 -17.01 -8.20 -37.03
C VAL A 194 -16.14 -7.08 -37.66
N ASP A 195 -14.98 -7.44 -38.29
CA ASP A 195 -14.13 -6.47 -38.97
C ASP A 195 -14.83 -5.94 -40.22
N ALA A 196 -15.62 -6.81 -40.88
CA ALA A 196 -16.41 -6.49 -42.08
C ALA A 196 -17.60 -5.62 -41.71
N ALA A 197 -18.05 -5.71 -40.44
CA ALA A 197 -19.17 -4.93 -39.94
C ALA A 197 -18.75 -3.51 -39.63
N VAL A 198 -17.58 -3.32 -38.99
CA VAL A 198 -17.10 -2.00 -38.60
C VAL A 198 -16.61 -1.25 -39.85
N ARG A 199 -16.01 -1.96 -40.85
CA ARG A 199 -15.57 -1.30 -42.09
C ARG A 199 -16.77 -0.78 -42.90
N GLY A 200 -17.90 -1.49 -42.84
CA GLY A 200 -19.15 -1.11 -43.49
C GLY A 200 -19.76 0.16 -42.93
N ILE A 201 -19.81 0.28 -41.58
CA ILE A 201 -20.33 1.43 -40.85
C ILE A 201 -19.54 2.69 -41.24
N LEU A 202 -18.21 2.61 -41.13
CA LEU A 202 -17.25 3.68 -41.43
C LEU A 202 -17.20 3.99 -42.94
N ARG A 203 -17.70 3.05 -43.80
CA ARG A 203 -17.81 3.21 -45.26
C ARG A 203 -19.23 3.65 -45.65
N ASN A 204 -20.05 4.07 -44.66
CA ASN A 204 -21.44 4.53 -44.87
C ASN A 204 -21.56 5.98 -44.37
N ALA A 205 -22.20 6.84 -45.20
CA ALA A 205 -22.37 8.27 -44.97
C ALA A 205 -23.35 8.58 -43.82
N LYS A 206 -24.33 7.69 -43.57
CA LYS A 206 -25.36 7.89 -42.55
C LYS A 206 -25.05 7.13 -41.24
N LEU A 207 -23.97 6.30 -41.22
CA LEU A 207 -23.65 5.50 -40.04
C LEU A 207 -22.34 5.94 -39.38
N LYS A 208 -21.38 6.48 -40.17
CA LYS A 208 -20.08 6.93 -39.63
C LYS A 208 -20.28 8.08 -38.61
N PRO A 209 -21.05 9.17 -38.90
CA PRO A 209 -21.17 10.27 -37.90
C PRO A 209 -21.85 9.85 -36.58
N VAL A 210 -22.82 8.91 -36.62
CA VAL A 210 -23.51 8.49 -35.41
C VAL A 210 -22.59 7.50 -34.63
N TYR A 211 -21.84 6.61 -35.32
CA TYR A 211 -20.89 5.67 -34.68
C TYR A 211 -19.75 6.40 -33.99
N ASP A 212 -19.18 7.44 -34.65
CA ASP A 212 -18.07 8.21 -34.11
C ASP A 212 -18.51 9.05 -32.89
N SER A 213 -19.82 9.36 -32.77
CA SER A 213 -20.35 10.14 -31.64
C SER A 213 -20.72 9.21 -30.47
N LEU A 214 -21.07 7.94 -30.77
CA LEU A 214 -21.42 6.95 -29.74
C LEU A 214 -20.22 6.49 -28.93
N ASP A 215 -20.45 6.19 -27.66
CA ASP A 215 -19.48 5.62 -26.72
C ASP A 215 -19.28 4.14 -27.07
N ALA A 216 -18.18 3.51 -26.58
CA ALA A 216 -17.79 2.12 -26.88
C ALA A 216 -18.95 1.11 -26.67
N VAL A 217 -19.81 1.33 -25.64
CA VAL A 217 -20.91 0.42 -25.32
C VAL A 217 -22.01 0.57 -26.39
N ARG A 218 -22.44 1.81 -26.68
CA ARG A 218 -23.49 2.09 -27.67
C ARG A 218 -22.95 1.87 -29.09
N ARG A 219 -21.61 1.86 -29.29
CA ARG A 219 -20.98 1.53 -30.58
C ARG A 219 -21.18 0.07 -30.90
N ALA A 220 -20.95 -0.81 -29.90
CA ALA A 220 -21.14 -2.25 -30.01
C ALA A 220 -22.58 -2.58 -30.34
N ALA A 221 -23.54 -1.78 -29.81
CA ALA A 221 -24.97 -1.94 -30.10
C ALA A 221 -25.26 -1.65 -31.57
N LEU A 222 -24.60 -0.62 -32.16
CA LEU A 222 -24.75 -0.28 -33.58
C LEU A 222 -24.12 -1.37 -34.48
N ILE A 223 -22.91 -1.88 -34.12
CA ILE A 223 -22.20 -2.97 -34.84
C ILE A 223 -23.06 -4.23 -34.86
N ASN A 224 -23.74 -4.53 -33.72
CA ASN A 224 -24.59 -5.72 -33.53
C ASN A 224 -25.74 -5.74 -34.56
N MET A 225 -26.36 -4.57 -34.85
CA MET A 225 -27.45 -4.46 -35.83
C MET A 225 -26.93 -4.77 -37.25
N VAL A 226 -25.77 -4.18 -37.60
CA VAL A 226 -25.07 -4.32 -38.88
C VAL A 226 -24.66 -5.79 -39.10
N PHE A 227 -24.31 -6.49 -38.00
CA PHE A 227 -23.91 -7.90 -38.06
C PHE A 227 -25.10 -8.78 -38.48
N GLN A 228 -26.29 -8.51 -37.91
CA GLN A 228 -27.50 -9.28 -38.19
C GLN A 228 -28.17 -8.86 -39.53
N MET A 229 -28.44 -7.55 -39.70
CA MET A 229 -29.15 -6.99 -40.86
C MET A 229 -28.19 -6.66 -42.01
N GLY A 230 -27.28 -5.70 -41.80
CA GLY A 230 -26.32 -5.26 -42.81
C GLY A 230 -26.09 -3.76 -42.78
N GLU A 231 -25.04 -3.30 -43.49
CA GLU A 231 -24.65 -1.89 -43.55
C GLU A 231 -25.76 -1.02 -44.18
N THR A 232 -26.27 -1.40 -45.38
CA THR A 232 -27.32 -0.66 -46.10
C THR A 232 -28.69 -0.84 -45.43
N GLY A 233 -28.88 -1.93 -44.68
CA GLY A 233 -30.11 -2.23 -43.97
C GLY A 233 -30.40 -1.33 -42.78
N VAL A 234 -29.41 -1.15 -41.87
CA VAL A 234 -29.58 -0.35 -40.65
C VAL A 234 -29.48 1.16 -40.98
N ALA A 235 -28.91 1.51 -42.17
CA ALA A 235 -28.79 2.89 -42.65
C ALA A 235 -30.17 3.51 -42.97
N GLY A 236 -31.18 2.64 -43.11
CA GLY A 236 -32.56 3.03 -43.36
C GLY A 236 -33.26 3.63 -42.14
N PHE A 237 -32.77 3.33 -40.92
CA PHE A 237 -33.31 3.85 -39.65
C PHE A 237 -32.96 5.34 -39.43
N THR A 238 -33.15 6.17 -40.46
CA THR A 238 -32.85 7.61 -40.51
C THR A 238 -33.43 8.34 -39.27
N ASN A 239 -34.66 7.97 -38.86
CA ASN A 239 -35.40 8.58 -37.75
C ASN A 239 -34.68 8.30 -36.40
N SER A 240 -34.21 7.03 -36.18
CA SER A 240 -33.52 6.61 -34.94
C SER A 240 -32.07 7.10 -34.87
N LEU A 241 -31.31 6.98 -35.98
CA LEU A 241 -29.90 7.34 -36.07
C LEU A 241 -29.64 8.82 -35.71
N ARG A 242 -30.57 9.75 -36.07
CA ARG A 242 -30.42 11.18 -35.82
C ARG A 242 -30.58 11.50 -34.31
N MET A 243 -31.60 10.93 -33.64
CA MET A 243 -31.84 11.20 -32.22
C MET A 243 -30.80 10.45 -31.34
N LEU A 244 -30.03 9.48 -31.91
CA LEU A 244 -28.90 8.84 -31.21
C LEU A 244 -27.70 9.79 -31.18
N GLN A 245 -27.44 10.46 -32.33
CA GLN A 245 -26.37 11.42 -32.54
C GLN A 245 -26.63 12.69 -31.68
N GLN A 246 -27.91 12.98 -31.38
CA GLN A 246 -28.35 14.11 -30.55
C GLN A 246 -28.41 13.73 -29.05
N LYS A 247 -27.83 12.55 -28.70
CA LYS A 247 -27.72 11.98 -27.34
C LYS A 247 -29.11 11.73 -26.69
N ARG A 248 -30.21 11.79 -27.47
CA ARG A 248 -31.56 11.52 -26.96
C ARG A 248 -31.81 10.01 -27.02
N TRP A 249 -31.39 9.30 -25.96
CA TRP A 249 -31.43 7.83 -25.89
C TRP A 249 -32.84 7.30 -25.66
N ASP A 250 -33.59 7.90 -24.72
CA ASP A 250 -34.93 7.45 -24.36
C ASP A 250 -35.91 7.63 -25.52
N GLU A 251 -35.76 8.70 -26.31
CA GLU A 251 -36.63 8.97 -27.45
C GLU A 251 -36.34 7.95 -28.57
N ALA A 252 -35.06 7.57 -28.76
CA ALA A 252 -34.64 6.59 -29.76
C ALA A 252 -35.06 5.18 -29.37
N ALA A 253 -35.12 4.91 -28.05
CA ALA A 253 -35.48 3.61 -27.49
C ALA A 253 -36.92 3.21 -27.88
N VAL A 254 -37.88 4.15 -27.77
CA VAL A 254 -39.30 3.89 -28.09
C VAL A 254 -39.48 3.89 -29.64
N ASN A 255 -38.64 4.64 -30.39
CA ASN A 255 -38.73 4.71 -31.85
C ASN A 255 -38.19 3.42 -32.50
N LEU A 256 -37.12 2.79 -31.92
CA LEU A 256 -36.53 1.53 -32.41
C LEU A 256 -37.47 0.34 -32.18
N ALA A 257 -38.43 0.47 -31.23
CA ALA A 257 -39.43 -0.56 -30.93
C ALA A 257 -40.50 -0.58 -32.02
N LYS A 258 -40.72 0.58 -32.67
CA LYS A 258 -41.68 0.78 -33.76
C LYS A 258 -41.05 0.37 -35.11
N SER A 259 -40.16 -0.64 -35.09
CA SER A 259 -39.42 -1.11 -36.26
C SER A 259 -39.82 -2.50 -36.70
N ARG A 260 -39.38 -2.89 -37.92
CA ARG A 260 -39.59 -4.22 -38.48
C ARG A 260 -38.67 -5.20 -37.75
N TRP A 261 -37.47 -4.73 -37.38
CA TRP A 261 -36.42 -5.45 -36.66
C TRP A 261 -36.90 -5.86 -35.26
N TYR A 262 -37.62 -4.97 -34.55
CA TYR A 262 -38.11 -5.26 -33.21
C TYR A 262 -39.22 -6.33 -33.24
N ASN A 263 -40.09 -6.31 -34.27
CA ASN A 263 -41.19 -7.28 -34.35
C ASN A 263 -40.72 -8.62 -34.96
N GLN A 264 -39.63 -8.63 -35.76
CA GLN A 264 -39.10 -9.84 -36.39
C GLN A 264 -38.33 -10.67 -35.35
N THR A 265 -37.34 -10.05 -34.68
CA THR A 265 -36.52 -10.67 -33.63
C THR A 265 -36.65 -9.80 -32.35
N PRO A 266 -37.69 -10.04 -31.51
CA PRO A 266 -37.94 -9.13 -30.37
C PRO A 266 -36.98 -9.32 -29.18
N ASN A 267 -36.57 -10.56 -28.88
CA ASN A 267 -35.69 -10.83 -27.73
C ASN A 267 -34.30 -10.25 -27.94
N ARG A 268 -33.80 -10.26 -29.19
CA ARG A 268 -32.48 -9.72 -29.53
C ARG A 268 -32.53 -8.19 -29.57
N ALA A 269 -33.60 -7.60 -30.14
CA ALA A 269 -33.76 -6.14 -30.28
C ALA A 269 -33.87 -5.46 -28.91
N LYS A 270 -34.66 -6.04 -27.97
CA LYS A 270 -34.87 -5.50 -26.62
C LYS A 270 -33.52 -5.33 -25.89
N ARG A 271 -32.59 -6.29 -26.07
CA ARG A 271 -31.25 -6.24 -25.50
C ARG A 271 -30.39 -5.12 -26.14
N VAL A 272 -30.46 -4.97 -27.47
CA VAL A 272 -29.67 -3.96 -28.20
C VAL A 272 -30.21 -2.55 -27.87
N ILE A 273 -31.55 -2.37 -27.83
CA ILE A 273 -32.22 -1.08 -27.54
C ILE A 273 -31.91 -0.65 -26.09
N THR A 274 -31.86 -1.59 -25.11
CA THR A 274 -31.53 -1.27 -23.71
C THR A 274 -30.09 -0.72 -23.64
N THR A 275 -29.16 -1.35 -24.40
CA THR A 275 -27.74 -0.98 -24.45
C THR A 275 -27.62 0.46 -25.05
N PHE A 276 -28.50 0.84 -26.02
CA PHE A 276 -28.51 2.21 -26.55
C PHE A 276 -29.09 3.19 -25.54
N ARG A 277 -30.13 2.77 -24.81
CA ARG A 277 -30.84 3.61 -23.86
C ARG A 277 -30.00 3.90 -22.60
N THR A 278 -29.27 2.87 -22.09
CA THR A 278 -28.52 2.97 -20.83
C THR A 278 -27.00 3.15 -21.02
N GLY A 279 -26.44 2.61 -22.10
CA GLY A 279 -25.00 2.65 -22.33
C GLY A 279 -24.26 1.67 -21.43
N THR A 280 -24.96 0.59 -20.99
CA THR A 280 -24.43 -0.46 -20.13
C THR A 280 -24.65 -1.84 -20.78
N TRP A 281 -24.13 -2.92 -20.16
CA TRP A 281 -24.28 -4.29 -20.63
C TRP A 281 -25.31 -5.09 -19.80
N ASP A 282 -26.18 -4.38 -19.03
CA ASP A 282 -27.15 -4.97 -18.09
C ASP A 282 -28.17 -5.90 -18.78
N ALA A 283 -28.52 -5.67 -20.07
CA ALA A 283 -29.46 -6.52 -20.80
C ALA A 283 -28.81 -7.87 -21.19
N TYR A 284 -27.49 -8.01 -20.99
CA TYR A 284 -26.71 -9.21 -21.26
C TYR A 284 -26.18 -9.83 -19.95
N SER A 285 -26.46 -9.16 -18.80
CA SER A 285 -26.06 -9.61 -17.46
C SER A 285 -27.12 -10.56 -16.88
N GLU A 286 -26.66 -11.61 -16.16
CA GLU A 286 -27.55 -12.59 -15.53
C GLU A 286 -27.98 -12.06 -14.16
N GLN A 287 -29.27 -12.25 -13.81
CA GLN A 287 -29.90 -11.78 -12.57
C GLN A 287 -29.28 -12.43 -11.30
N TRP A 288 -28.65 -13.61 -11.41
CA TRP A 288 -28.08 -14.30 -10.25
C TRP A 288 -26.74 -13.69 -9.85
N ILE A 289 -26.04 -13.01 -10.78
CA ILE A 289 -24.74 -12.37 -10.57
C ILE A 289 -24.85 -11.26 -9.50
N PHE A 290 -25.87 -10.39 -9.58
CA PHE A 290 -26.06 -9.32 -8.60
C PHE A 290 -26.39 -9.92 -7.21
N ARG A 291 -27.12 -11.06 -7.19
CA ARG A 291 -27.47 -11.77 -5.95
C ARG A 291 -26.23 -12.39 -5.30
N LEU A 292 -25.18 -12.63 -6.09
CA LEU A 292 -23.93 -13.16 -5.59
C LEU A 292 -23.10 -12.02 -4.99
N TYR A 293 -23.21 -10.78 -5.54
CA TYR A 293 -22.49 -9.63 -5.00
C TYR A 293 -23.04 -9.25 -3.61
N VAL A 294 -24.38 -9.29 -3.42
CA VAL A 294 -25.02 -8.97 -2.13
C VAL A 294 -24.69 -10.08 -1.10
N ALA A 295 -24.40 -11.32 -1.57
CA ALA A 295 -23.99 -12.43 -0.72
C ALA A 295 -22.53 -12.26 -0.25
N ILE A 296 -21.72 -11.48 -1.04
CA ILE A 296 -20.32 -11.21 -0.70
C ILE A 296 -20.29 -9.99 0.24
N GLY A 297 -20.88 -8.89 -0.17
CA GLY A 297 -20.90 -7.65 0.59
C GLY A 297 -21.56 -7.69 1.96
N TRP A 298 -22.74 -8.34 2.07
CA TRP A 298 -23.48 -8.42 3.35
C TRP A 298 -23.43 -9.84 3.98
N GLY A 299 -23.19 -10.87 3.17
CA GLY A 299 -23.16 -12.26 3.62
C GLY A 299 -21.87 -12.73 4.22
N VAL A 300 -20.74 -12.55 3.51
CA VAL A 300 -19.41 -12.98 3.99
C VAL A 300 -19.06 -12.23 5.33
N PRO A 301 -19.23 -10.88 5.49
CA PRO A 301 -18.91 -10.25 6.80
C PRO A 301 -19.58 -10.96 7.99
N LEU A 302 -20.83 -11.39 7.84
CA LEU A 302 -21.61 -12.06 8.88
C LEU A 302 -20.98 -13.42 9.31
N LEU A 303 -20.27 -14.09 8.38
CA LEU A 303 -19.63 -15.39 8.52
C LEU A 303 -18.33 -15.30 9.42
N PHE A 304 -17.77 -14.10 9.65
CA PHE A 304 -16.59 -13.99 10.51
C PHE A 304 -16.80 -12.94 11.63
N VAL A 305 -17.78 -12.02 11.47
CA VAL A 305 -18.05 -11.01 12.51
C VAL A 305 -18.82 -11.66 13.66
N VAL A 306 -19.80 -12.56 13.37
CA VAL A 306 -20.57 -13.09 14.50
C VAL A 306 -19.65 -14.11 15.29
N PRO A 307 -18.76 -14.98 14.71
CA PRO A 307 -17.93 -15.85 15.56
C PRO A 307 -17.01 -15.04 16.47
N TRP A 308 -16.52 -13.87 15.98
CA TRP A 308 -15.71 -12.93 16.73
C TRP A 308 -16.52 -12.36 17.89
N GLY A 309 -17.76 -11.96 17.62
CA GLY A 309 -18.67 -11.43 18.62
C GLY A 309 -19.02 -12.43 19.72
N ILE A 310 -19.14 -13.73 19.36
CA ILE A 310 -19.49 -14.81 20.30
C ILE A 310 -18.27 -15.14 21.20
N VAL A 311 -17.04 -15.21 20.60
CA VAL A 311 -15.82 -15.55 21.37
C VAL A 311 -15.45 -14.38 22.32
N LYS A 312 -15.68 -13.11 21.89
CA LYS A 312 -15.38 -11.95 22.73
C LYS A 312 -16.36 -11.89 23.91
N TYR A 313 -17.63 -12.24 23.69
CA TYR A 313 -18.63 -12.23 24.77
C TYR A 313 -18.37 -13.36 25.77
N LEU A 314 -17.93 -14.54 25.31
CA LEU A 314 -17.73 -15.69 26.18
C LEU A 314 -16.31 -15.80 26.78
N TYR A 315 -15.26 -15.35 26.08
CA TYR A 315 -13.90 -15.60 26.56
C TYR A 315 -13.04 -14.29 26.73
N GLU A 316 -13.48 -13.12 26.22
CA GLU A 316 -12.73 -11.87 26.41
C GLU A 316 -13.69 -10.67 26.59
N ASP A 317 -14.67 -10.81 27.50
CA ASP A 317 -15.66 -9.76 27.75
C ASP A 317 -15.14 -8.80 28.82
N GLU A 318 -14.52 -7.67 28.38
CA GLU A 318 -13.96 -6.65 29.27
C GLU A 318 -13.86 -5.28 28.55
N GLY A 319 -14.80 -4.39 28.89
CA GLY A 319 -14.88 -3.03 28.37
C GLY A 319 -15.18 -2.94 26.88
N CYS A 320 -16.41 -3.35 26.47
CA CYS A 320 -16.95 -3.38 25.08
C CYS A 320 -16.00 -4.15 24.15
N TRP A 321 -15.17 -5.06 24.73
CA TRP A 321 -14.19 -5.91 24.06
C TRP A 321 -13.06 -5.04 23.43
N THR A 322 -12.72 -3.90 24.08
CA THR A 322 -11.65 -3.00 23.62
C THR A 322 -10.27 -3.58 23.95
N ARG A 323 -10.20 -4.49 24.96
CA ARG A 323 -8.96 -5.17 25.34
C ARG A 323 -8.75 -6.42 24.46
N ASN A 324 -8.57 -6.17 23.14
CA ASN A 324 -8.38 -7.21 22.11
C ASN A 324 -6.88 -7.55 21.95
N SER A 325 -6.28 -8.07 23.04
CA SER A 325 -4.88 -8.47 23.09
C SER A 325 -4.72 -9.62 24.10
N ASN A 326 -4.99 -10.87 23.65
CA ASN A 326 -4.87 -12.07 24.49
C ASN A 326 -4.64 -13.34 23.64
N MET A 327 -5.53 -13.65 22.67
CA MET A 327 -5.39 -14.86 21.84
C MET A 327 -5.65 -14.59 20.33
N ASN A 328 -5.87 -15.69 19.56
CA ASN A 328 -6.10 -15.72 18.10
C ASN A 328 -7.44 -15.06 17.69
N TYR A 329 -8.18 -14.50 18.67
CA TYR A 329 -9.50 -13.91 18.44
C TYR A 329 -9.38 -12.56 17.69
N TRP A 330 -8.16 -11.98 17.61
CA TRP A 330 -7.91 -10.75 16.86
C TRP A 330 -7.87 -11.09 15.37
N LEU A 331 -7.19 -12.21 15.02
CA LEU A 331 -6.98 -12.72 13.66
C LEU A 331 -8.28 -13.11 12.94
N ILE A 332 -9.33 -13.53 13.66
CA ILE A 332 -10.55 -14.00 13.00
C ILE A 332 -11.36 -12.80 12.42
N ILE A 333 -11.02 -11.56 12.78
CA ILE A 333 -11.69 -10.39 12.19
C ILE A 333 -10.64 -9.56 11.34
N ARG A 334 -9.33 -9.91 11.44
CA ARG A 334 -8.24 -9.23 10.72
C ARG A 334 -7.70 -10.07 9.52
N LEU A 335 -7.84 -11.43 9.54
CA LEU A 335 -7.43 -12.30 8.42
C LEU A 335 -8.44 -12.22 7.25
N PRO A 336 -9.77 -12.06 7.48
CA PRO A 336 -10.68 -12.01 6.33
C PRO A 336 -10.62 -10.66 5.62
N ILE A 337 -10.37 -9.55 6.35
CA ILE A 337 -10.25 -8.21 5.76
C ILE A 337 -8.89 -8.10 5.01
N LEU A 338 -7.84 -8.81 5.47
CA LEU A 338 -6.54 -8.87 4.79
C LEU A 338 -6.70 -9.64 3.45
N PHE A 339 -7.54 -10.72 3.45
CA PHE A 339 -7.86 -11.52 2.25
C PHE A 339 -8.61 -10.68 1.21
N ALA A 340 -9.55 -9.83 1.64
CA ALA A 340 -10.30 -8.94 0.75
C ALA A 340 -9.39 -7.85 0.17
N CYS A 341 -8.33 -7.47 0.90
CA CYS A 341 -7.41 -6.43 0.47
C CYS A 341 -6.33 -7.00 -0.45
N ILE A 342 -5.82 -8.22 -0.16
CA ILE A 342 -4.83 -8.88 -1.01
C ILE A 342 -5.46 -9.14 -2.39
N VAL A 343 -6.72 -9.64 -2.45
CA VAL A 343 -7.37 -9.90 -3.74
C VAL A 343 -7.72 -8.56 -4.41
N ASN A 344 -8.11 -7.50 -3.65
CA ASN A 344 -8.38 -6.18 -4.24
C ASN A 344 -7.12 -5.57 -4.87
N PHE A 345 -5.92 -5.83 -4.31
CA PHE A 345 -4.69 -5.33 -4.92
C PHE A 345 -4.32 -6.18 -6.14
N LEU A 346 -4.68 -7.48 -6.15
CA LEU A 346 -4.44 -8.32 -7.33
C LEU A 346 -5.31 -7.84 -8.51
N ILE A 347 -6.55 -7.37 -8.22
CA ILE A 347 -7.47 -6.83 -9.21
C ILE A 347 -6.92 -5.48 -9.66
N PHE A 348 -6.56 -4.61 -8.72
CA PHE A 348 -5.96 -3.30 -8.94
C PHE A 348 -4.84 -3.37 -10.01
N VAL A 349 -3.86 -4.29 -9.82
CA VAL A 349 -2.72 -4.48 -10.72
C VAL A 349 -3.19 -5.00 -12.09
N ARG A 350 -4.11 -5.98 -12.11
CA ARG A 350 -4.58 -6.59 -13.36
C ARG A 350 -5.45 -5.59 -14.17
N VAL A 351 -6.33 -4.80 -13.51
CA VAL A 351 -7.17 -3.77 -14.14
C VAL A 351 -6.26 -2.74 -14.84
N ILE A 352 -5.15 -2.32 -14.20
CA ILE A 352 -4.21 -1.36 -14.78
C ILE A 352 -3.58 -1.97 -16.08
N CYS A 353 -3.22 -3.29 -16.09
CA CYS A 353 -2.66 -3.96 -17.27
C CYS A 353 -3.67 -3.94 -18.46
N ILE A 354 -4.97 -4.11 -18.16
CA ILE A 354 -6.04 -4.15 -19.16
C ILE A 354 -6.34 -2.74 -19.68
N VAL A 355 -6.48 -1.74 -18.78
CA VAL A 355 -6.82 -0.36 -19.12
C VAL A 355 -5.70 0.24 -20.02
N VAL A 356 -4.40 0.06 -19.66
CA VAL A 356 -3.28 0.62 -20.45
C VAL A 356 -3.19 -0.10 -21.83
N SER A 357 -3.66 -1.38 -21.91
CA SER A 357 -3.67 -2.14 -23.17
C SER A 357 -4.74 -1.60 -24.10
N LYS A 358 -5.97 -1.42 -23.59
CA LYS A 358 -7.13 -0.97 -24.36
C LYS A 358 -6.95 0.51 -24.80
N LEU A 359 -6.27 1.35 -23.99
CA LEU A 359 -6.02 2.74 -24.38
C LEU A 359 -4.99 2.82 -25.52
N LYS A 360 -3.86 2.05 -25.43
CA LYS A 360 -2.79 2.04 -26.43
C LYS A 360 -3.27 1.42 -27.75
N ALA A 361 -4.18 0.41 -27.70
CA ALA A 361 -4.67 -0.27 -28.90
C ALA A 361 -5.87 0.50 -29.56
N ASN A 362 -6.29 1.64 -28.94
CA ASN A 362 -7.42 2.51 -29.31
C ASN A 362 -8.77 1.75 -29.19
N LEU A 363 -8.83 0.74 -28.31
CA LEU A 363 -10.05 -0.02 -28.02
C LEU A 363 -10.91 0.71 -26.95
N MET A 364 -10.32 1.75 -26.30
CA MET A 364 -10.98 2.54 -25.27
C MET A 364 -10.50 3.99 -25.28
N CYS A 365 -11.45 4.93 -25.09
CA CYS A 365 -11.18 6.35 -24.87
C CYS A 365 -11.38 6.64 -23.39
N LYS A 366 -10.74 7.70 -22.86
CA LYS A 366 -10.83 8.05 -21.44
C LYS A 366 -12.20 8.63 -21.05
N THR A 367 -13.08 8.83 -22.04
CA THR A 367 -14.41 9.39 -21.86
C THR A 367 -15.44 8.26 -21.57
N ASP A 368 -15.01 6.98 -21.65
CA ASP A 368 -15.87 5.79 -21.47
C ASP A 368 -16.01 5.40 -20.00
N ILE A 369 -17.18 4.81 -19.63
CA ILE A 369 -17.58 4.40 -18.28
C ILE A 369 -16.50 3.51 -17.62
N ALA A 370 -15.96 2.52 -18.37
CA ALA A 370 -14.97 1.57 -17.88
C ALA A 370 -13.67 2.28 -17.45
N PHE A 371 -13.34 3.43 -18.07
CA PHE A 371 -12.12 4.15 -17.69
C PHE A 371 -12.39 5.04 -16.46
N ARG A 372 -13.50 5.78 -16.47
CA ARG A 372 -13.88 6.69 -15.37
C ARG A 372 -14.20 5.89 -14.09
N LEU A 373 -14.83 4.70 -14.23
CA LEU A 373 -15.13 3.83 -13.09
C LEU A 373 -13.82 3.29 -12.53
N ALA A 374 -12.86 2.95 -13.43
CA ALA A 374 -11.54 2.47 -13.04
C ALA A 374 -10.75 3.58 -12.34
N LYS A 375 -10.95 4.83 -12.79
CA LYS A 375 -10.30 6.04 -12.29
C LYS A 375 -10.73 6.29 -10.81
N SER A 376 -11.93 5.86 -10.37
CA SER A 376 -12.42 6.00 -8.98
C SER A 376 -12.14 4.75 -8.15
N THR A 377 -12.31 3.55 -8.73
CA THR A 377 -12.14 2.27 -8.02
C THR A 377 -10.65 2.06 -7.70
N LEU A 378 -9.74 2.27 -8.69
CA LEU A 378 -8.30 2.10 -8.49
C LEU A 378 -7.75 3.09 -7.46
N THR A 379 -8.50 4.18 -7.16
CA THR A 379 -8.12 5.19 -6.16
C THR A 379 -8.52 4.68 -4.76
N LEU A 380 -9.76 4.14 -4.60
CA LEU A 380 -10.32 3.68 -3.33
C LEU A 380 -9.70 2.36 -2.83
N ILE A 381 -9.21 1.48 -3.74
CA ILE A 381 -8.59 0.22 -3.32
C ILE A 381 -7.30 0.55 -2.50
N PRO A 382 -6.28 1.32 -2.99
CA PRO A 382 -5.11 1.60 -2.14
C PRO A 382 -5.43 2.61 -1.03
N LEU A 383 -6.58 3.31 -1.11
CA LEU A 383 -6.96 4.30 -0.11
C LEU A 383 -7.46 3.61 1.17
N LEU A 384 -8.18 2.49 1.01
CA LEU A 384 -8.77 1.75 2.12
C LEU A 384 -7.98 0.48 2.49
N CYS A 385 -7.23 -0.12 1.54
CA CYS A 385 -6.59 -1.40 1.82
C CYS A 385 -5.05 -1.30 1.98
N THR A 386 -4.41 -0.11 1.85
CA THR A 386 -2.94 -0.11 1.94
C THR A 386 -2.52 -0.27 3.44
N HIS A 387 -3.16 0.47 4.37
CA HIS A 387 -2.83 0.37 5.81
C HIS A 387 -2.94 -1.07 6.29
N GLU A 388 -4.02 -1.78 5.91
CA GLU A 388 -4.34 -3.15 6.29
C GLU A 388 -3.24 -4.14 5.83
N VAL A 389 -2.62 -3.91 4.65
CA VAL A 389 -1.60 -4.81 4.09
C VAL A 389 -0.22 -4.51 4.74
N ILE A 390 0.13 -3.21 4.91
CA ILE A 390 1.41 -2.76 5.50
C ILE A 390 1.54 -3.25 6.98
N PHE A 391 0.52 -3.00 7.82
CA PHE A 391 0.52 -3.39 9.23
C PHE A 391 -0.34 -4.65 9.47
N ALA A 392 -0.22 -5.64 8.55
CA ALA A 392 -1.00 -6.88 8.47
C ALA A 392 -1.07 -7.66 9.80
N PHE A 393 0.07 -7.86 10.50
CA PHE A 393 0.03 -8.65 11.73
C PHE A 393 0.62 -7.86 12.91
N VAL A 394 0.26 -6.58 13.01
CA VAL A 394 0.68 -5.73 14.13
C VAL A 394 -0.57 -5.49 15.00
N MET A 395 -0.57 -6.06 16.23
CA MET A 395 -1.69 -5.96 17.17
C MET A 395 -1.84 -4.52 17.71
N ASP A 396 -0.73 -3.92 18.22
CA ASP A 396 -0.71 -2.56 18.76
C ASP A 396 0.71 -1.97 18.70
N ARG A 404 5.29 10.26 18.45
CA ARG A 404 4.81 9.50 17.29
C ARG A 404 3.33 9.14 17.45
N PHE A 405 2.79 9.19 18.70
CA PHE A 405 1.40 8.88 19.04
C PHE A 405 0.42 9.88 18.41
N ILE A 406 0.87 11.14 18.19
CA ILE A 406 0.10 12.22 17.56
C ILE A 406 0.03 11.97 16.05
N LYS A 407 1.18 11.57 15.45
CA LYS A 407 1.33 11.31 14.01
C LYS A 407 0.53 10.05 13.58
N LEU A 408 0.41 9.03 14.45
CA LEU A 408 -0.34 7.81 14.12
C LEU A 408 -1.85 8.09 14.28
N PHE A 409 -2.21 9.05 15.17
CA PHE A 409 -3.60 9.45 15.42
C PHE A 409 -4.21 10.22 14.21
N THR A 410 -3.46 10.32 13.07
CA THR A 410 -3.92 10.93 11.82
C THR A 410 -4.68 9.87 10.98
N GLU A 411 -4.77 8.62 11.51
CA GLU A 411 -5.53 7.52 10.92
C GLU A 411 -7.02 7.78 11.14
N LEU A 412 -7.34 8.48 12.26
CA LEU A 412 -8.67 8.90 12.67
C LEU A 412 -9.30 9.89 11.68
N SER A 413 -8.45 10.68 10.99
CA SER A 413 -8.94 11.66 10.00
C SER A 413 -9.31 10.96 8.69
N PHE A 414 -8.53 9.96 8.24
CA PHE A 414 -8.85 9.27 6.99
C PHE A 414 -9.99 8.27 7.16
N THR A 415 -10.13 7.58 8.31
CA THR A 415 -11.24 6.62 8.49
C THR A 415 -12.60 7.37 8.64
N SER A 416 -12.58 8.65 9.06
CA SER A 416 -13.79 9.44 9.24
C SER A 416 -14.26 10.03 7.91
N PHE A 417 -13.33 10.58 7.09
CA PHE A 417 -13.62 11.19 5.80
C PHE A 417 -13.73 10.12 4.66
N GLN A 418 -13.49 8.81 4.95
CA GLN A 418 -13.62 7.72 3.95
C GLN A 418 -14.92 7.81 3.14
N GLY A 419 -16.05 7.95 3.86
CA GLY A 419 -17.39 8.05 3.29
C GLY A 419 -17.55 9.20 2.32
N LEU A 420 -17.01 10.40 2.70
CA LEU A 420 -17.05 11.60 1.88
C LEU A 420 -16.36 11.35 0.54
N MET A 421 -15.16 10.72 0.56
CA MET A 421 -14.37 10.40 -0.62
C MET A 421 -15.12 9.43 -1.55
N VAL A 422 -15.76 8.39 -0.98
CA VAL A 422 -16.58 7.40 -1.70
C VAL A 422 -17.74 8.12 -2.40
N ALA A 423 -18.42 9.04 -1.68
CA ALA A 423 -19.53 9.85 -2.19
C ALA A 423 -19.06 10.78 -3.32
N ILE A 424 -17.85 11.38 -3.18
CA ILE A 424 -17.29 12.25 -4.22
C ILE A 424 -16.97 11.43 -5.48
N LEU A 425 -16.06 10.43 -5.37
CA LEU A 425 -15.54 9.63 -6.49
C LEU A 425 -16.63 8.76 -7.17
N TYR A 426 -17.70 8.35 -6.45
CA TYR A 426 -18.72 7.52 -7.09
C TYR A 426 -20.04 8.27 -7.33
N CYS A 427 -20.12 9.60 -7.08
CA CYS A 427 -21.39 10.28 -7.36
C CYS A 427 -21.17 11.72 -7.82
N PHE A 428 -20.62 12.61 -6.97
CA PHE A 428 -20.54 14.05 -7.26
C PHE A 428 -19.59 14.39 -8.45
N VAL A 429 -18.53 13.59 -8.71
CA VAL A 429 -17.64 13.92 -9.84
C VAL A 429 -17.99 12.98 -11.05
N ASN A 430 -19.03 12.14 -10.91
CA ASN A 430 -19.55 11.27 -11.97
C ASN A 430 -20.17 12.12 -13.08
N ASN A 431 -19.84 11.83 -14.35
CA ASN A 431 -20.34 12.62 -15.47
C ASN A 431 -21.83 12.39 -15.72
N GLU A 432 -22.34 11.17 -15.49
CA GLU A 432 -23.74 10.84 -15.73
C GLU A 432 -24.68 11.61 -14.80
N VAL A 433 -24.31 11.77 -13.50
CA VAL A 433 -25.17 12.48 -12.54
C VAL A 433 -25.22 13.98 -12.93
N GLN A 434 -24.08 14.56 -13.37
CA GLN A 434 -23.97 15.96 -13.78
C GLN A 434 -24.85 16.24 -15.00
N LEU A 435 -25.06 15.22 -15.87
CA LEU A 435 -25.95 15.31 -17.03
C LEU A 435 -27.39 15.43 -16.57
N GLU A 436 -27.77 14.66 -15.53
CA GLU A 436 -29.11 14.61 -14.96
C GLU A 436 -29.50 15.93 -14.28
N PHE A 437 -28.54 16.61 -13.60
CA PHE A 437 -28.84 17.88 -12.95
C PHE A 437 -29.07 18.98 -14.00
N ARG A 438 -28.24 19.02 -15.07
CA ARG A 438 -28.37 20.00 -16.16
C ARG A 438 -29.62 19.68 -17.00
N LYS A 439 -29.92 18.38 -17.24
CA LYS A 439 -31.08 17.94 -18.00
C LYS A 439 -32.38 18.31 -17.25
N SER A 440 -32.38 18.21 -15.89
CA SER A 440 -33.52 18.56 -15.05
C SER A 440 -33.70 20.09 -14.97
N TRP A 441 -32.58 20.84 -14.91
CA TRP A 441 -32.59 22.31 -14.85
C TRP A 441 -33.06 22.90 -16.18
N GLU A 442 -32.78 22.21 -17.29
CA GLU A 442 -33.18 22.64 -18.63
C GLU A 442 -34.70 22.43 -18.81
N ARG A 443 -35.25 21.36 -18.19
CA ARG A 443 -36.69 21.05 -18.24
C ARG A 443 -37.49 22.06 -17.43
N TRP A 444 -36.88 22.64 -16.38
CA TRP A 444 -37.49 23.66 -15.51
C TRP A 444 -37.73 24.94 -16.32
N ARG A 445 -36.78 25.29 -17.22
CA ARG A 445 -36.87 26.45 -18.09
C ARG A 445 -37.87 26.18 -19.23
N LEU A 446 -37.70 25.04 -19.94
CA LEU A 446 -38.57 24.63 -21.04
C LEU A 446 -39.74 23.80 -20.53
N SER B 10 42.25 4.40 -30.15
CA SER B 10 41.24 3.77 -31.01
C SER B 10 39.81 4.13 -30.53
N PRO B 11 38.83 4.32 -31.45
CA PRO B 11 37.47 4.70 -31.01
C PRO B 11 36.68 3.52 -30.42
N GLU B 12 36.75 2.32 -31.06
CA GLU B 12 36.04 1.12 -30.64
C GLU B 12 36.61 0.55 -29.34
N GLU B 13 37.92 0.80 -29.07
CA GLU B 13 38.60 0.35 -27.85
C GLU B 13 38.10 1.12 -26.62
N GLN B 14 37.70 2.40 -26.81
CA GLN B 14 37.19 3.28 -25.76
C GLN B 14 35.84 2.76 -25.24
N LEU B 15 34.90 2.43 -26.16
CA LEU B 15 33.56 1.91 -25.83
C LEU B 15 33.65 0.51 -25.22
N LEU B 16 34.64 -0.29 -25.64
CA LEU B 16 34.86 -1.66 -25.16
C LEU B 16 35.44 -1.66 -23.75
N PHE B 17 36.38 -0.73 -23.45
CA PHE B 17 37.04 -0.64 -22.15
C PHE B 17 36.06 -0.18 -21.05
N LEU B 18 35.20 0.81 -21.36
CA LEU B 18 34.19 1.34 -20.42
C LEU B 18 33.13 0.28 -20.10
N TYR B 19 32.88 -0.64 -21.05
CA TYR B 19 31.94 -1.75 -20.89
C TYR B 19 32.48 -2.77 -19.86
N ILE B 20 33.81 -3.00 -19.87
CA ILE B 20 34.48 -3.95 -18.97
C ILE B 20 34.42 -3.43 -17.52
N ILE B 21 34.84 -2.17 -17.24
CA ILE B 21 34.86 -1.60 -15.88
C ILE B 21 33.41 -1.48 -15.33
N TYR B 22 32.39 -1.38 -16.22
CA TYR B 22 30.99 -1.29 -15.83
C TYR B 22 30.47 -2.68 -15.42
N THR B 23 30.70 -3.70 -16.28
CA THR B 23 30.24 -5.07 -16.05
C THR B 23 31.03 -5.73 -14.90
N VAL B 24 32.35 -5.41 -14.72
CA VAL B 24 33.10 -5.99 -13.59
C VAL B 24 32.68 -5.26 -12.32
N GLY B 25 32.23 -4.00 -12.45
CA GLY B 25 31.73 -3.19 -11.36
C GLY B 25 30.49 -3.81 -10.74
N TYR B 26 29.55 -4.29 -11.58
CA TYR B 26 28.32 -4.95 -11.12
C TYR B 26 28.59 -6.41 -10.75
N ALA B 27 29.65 -7.04 -11.33
CA ALA B 27 30.02 -8.41 -10.97
C ALA B 27 30.61 -8.44 -9.54
N LEU B 28 31.47 -7.45 -9.21
CA LEU B 28 32.09 -7.28 -7.89
C LEU B 28 31.07 -6.80 -6.86
N SER B 29 30.08 -5.98 -7.30
CA SER B 29 29.02 -5.47 -6.41
C SER B 29 28.03 -6.58 -6.07
N PHE B 30 27.52 -7.32 -7.07
CA PHE B 30 26.54 -8.40 -6.90
C PHE B 30 27.06 -9.46 -5.93
N SER B 31 28.27 -10.01 -6.20
CA SER B 31 28.90 -11.05 -5.39
C SER B 31 29.13 -10.56 -3.95
N ALA B 32 29.63 -9.31 -3.78
CA ALA B 32 29.89 -8.72 -2.46
C ALA B 32 28.60 -8.51 -1.66
N LEU B 33 27.49 -8.12 -2.33
CA LEU B 33 26.22 -7.90 -1.66
C LEU B 33 25.52 -9.21 -1.30
N VAL B 34 25.72 -10.27 -2.11
CA VAL B 34 25.16 -11.61 -1.82
C VAL B 34 25.94 -12.18 -0.62
N ILE B 35 27.29 -12.03 -0.61
CA ILE B 35 28.16 -12.47 0.49
C ILE B 35 27.82 -11.67 1.76
N ALA B 36 27.74 -10.32 1.66
CA ALA B 36 27.42 -9.44 2.79
C ALA B 36 26.05 -9.77 3.40
N SER B 37 25.01 -9.96 2.56
CA SER B 37 23.66 -10.29 3.03
C SER B 37 23.64 -11.69 3.66
N ALA B 38 24.49 -12.62 3.18
CA ALA B 38 24.61 -13.97 3.75
C ALA B 38 25.26 -13.92 5.15
N ILE B 39 26.15 -12.95 5.39
CA ILE B 39 26.83 -12.73 6.67
C ILE B 39 25.81 -12.23 7.70
N LEU B 40 25.02 -11.18 7.36
CA LEU B 40 24.03 -10.59 8.28
C LEU B 40 22.90 -11.60 8.63
N LEU B 41 22.55 -12.50 7.69
CA LEU B 41 21.52 -13.53 7.93
C LEU B 41 22.11 -14.76 8.65
N GLY B 42 23.35 -15.13 8.29
CA GLY B 42 24.06 -16.28 8.82
C GLY B 42 24.34 -16.25 10.31
N PHE B 43 24.90 -15.13 10.81
CA PHE B 43 25.22 -14.98 12.23
C PHE B 43 23.99 -14.44 12.97
N ARG B 44 23.51 -15.20 13.98
CA ARG B 44 22.31 -14.93 14.77
C ARG B 44 22.41 -13.62 15.56
N HIS B 45 23.61 -13.27 16.07
CA HIS B 45 23.84 -12.06 16.86
C HIS B 45 23.71 -10.78 16.00
N LEU B 46 23.72 -10.91 14.66
CA LEU B 46 23.61 -9.79 13.73
C LEU B 46 22.13 -9.52 13.36
N HIS B 47 21.17 -10.27 13.94
CA HIS B 47 19.76 -10.03 13.65
C HIS B 47 19.21 -8.89 14.52
N CYS B 48 19.36 -7.65 14.03
CA CYS B 48 18.83 -6.44 14.67
C CYS B 48 18.27 -5.50 13.59
N THR B 49 17.33 -4.60 13.98
CA THR B 49 16.62 -3.66 13.08
C THR B 49 17.61 -2.88 12.16
N ARG B 50 18.78 -2.47 12.69
CA ARG B 50 19.81 -1.77 11.93
C ARG B 50 20.27 -2.62 10.72
N ASN B 51 20.59 -3.90 10.95
CA ASN B 51 21.05 -4.78 9.87
C ASN B 51 19.89 -5.24 8.98
N TYR B 52 18.62 -5.29 9.50
CA TYR B 52 17.47 -5.66 8.63
C TYR B 52 17.22 -4.55 7.59
N ILE B 53 17.44 -3.28 7.98
CA ILE B 53 17.33 -2.09 7.10
C ILE B 53 18.39 -2.21 5.97
N HIS B 54 19.61 -2.66 6.33
CA HIS B 54 20.74 -2.89 5.41
C HIS B 54 20.41 -4.00 4.40
N LEU B 55 19.75 -5.09 4.84
CA LEU B 55 19.39 -6.24 3.99
C LEU B 55 18.42 -5.84 2.86
N ASN B 56 17.48 -4.92 3.14
CA ASN B 56 16.55 -4.42 2.13
C ASN B 56 17.28 -3.48 1.18
N LEU B 57 18.28 -2.73 1.71
CA LEU B 57 19.12 -1.83 0.90
C LEU B 57 20.00 -2.66 -0.03
N PHE B 58 20.58 -3.80 0.47
CA PHE B 58 21.41 -4.67 -0.37
C PHE B 58 20.57 -5.31 -1.46
N ALA B 59 19.34 -5.73 -1.12
CA ALA B 59 18.38 -6.35 -2.05
C ALA B 59 18.07 -5.42 -3.22
N SER B 60 17.90 -4.10 -2.96
CA SER B 60 17.61 -3.13 -4.01
C SER B 60 18.82 -2.98 -4.96
N PHE B 61 20.07 -3.07 -4.44
CA PHE B 61 21.27 -3.02 -5.28
C PHE B 61 21.47 -4.36 -6.01
N ILE B 62 21.10 -5.50 -5.38
CA ILE B 62 21.21 -6.84 -5.98
C ILE B 62 20.26 -6.94 -7.20
N LEU B 63 18.97 -6.52 -7.05
CA LEU B 63 17.99 -6.53 -8.14
C LEU B 63 18.37 -5.57 -9.27
N ARG B 64 19.04 -4.45 -8.94
CA ARG B 64 19.50 -3.48 -9.95
C ARG B 64 20.57 -4.13 -10.82
N ALA B 65 21.49 -4.89 -10.19
CA ALA B 65 22.55 -5.65 -10.86
C ALA B 65 21.95 -6.74 -11.75
N LEU B 66 20.89 -7.44 -11.28
CA LEU B 66 20.17 -8.48 -12.02
C LEU B 66 19.57 -7.94 -13.33
N CYS B 67 19.07 -6.66 -13.31
CA CYS B 67 18.53 -5.98 -14.49
C CYS B 67 19.64 -5.71 -15.49
N VAL B 68 20.82 -5.31 -15.01
CA VAL B 68 21.99 -4.99 -15.83
C VAL B 68 22.52 -6.30 -16.48
N PHE B 69 22.53 -7.44 -15.75
CA PHE B 69 23.01 -8.70 -16.31
C PHE B 69 21.97 -9.29 -17.28
N PHE B 70 20.66 -9.05 -17.03
CA PHE B 70 19.60 -9.56 -17.90
C PHE B 70 19.55 -8.78 -19.22
N LYS B 71 19.78 -7.45 -19.17
CA LYS B 71 19.80 -6.59 -20.36
C LYS B 71 20.96 -7.01 -21.28
N ASP B 72 22.14 -7.27 -20.68
CA ASP B 72 23.36 -7.69 -21.35
C ASP B 72 23.21 -9.10 -21.94
N ALA B 73 22.53 -10.02 -21.22
CA ALA B 73 22.32 -11.40 -21.66
C ALA B 73 21.31 -11.46 -22.82
N ALA B 74 20.44 -10.45 -22.93
CA ALA B 74 19.41 -10.34 -23.97
C ALA B 74 20.01 -9.78 -25.27
N LEU B 75 21.25 -9.23 -25.24
CA LEU B 75 21.95 -8.72 -26.43
C LEU B 75 22.21 -9.88 -27.39
N LYS B 76 22.52 -11.07 -26.84
CA LYS B 76 22.72 -12.30 -27.62
C LYS B 76 21.33 -12.82 -28.02
N TRP B 77 20.94 -12.59 -29.30
CA TRP B 77 19.65 -12.95 -29.91
C TRP B 77 18.49 -12.26 -29.19
N GLY B 83 16.92 -9.07 -39.52
CA GLY B 83 15.80 -9.92 -39.90
C GLY B 83 14.68 -9.90 -38.89
N LEU B 84 14.96 -10.40 -37.67
CA LEU B 84 13.99 -10.44 -36.56
C LEU B 84 13.94 -9.08 -35.85
N LEU B 85 12.98 -8.90 -34.91
CA LEU B 85 12.82 -7.65 -34.16
C LEU B 85 13.96 -7.45 -33.16
N SER B 86 14.60 -6.26 -33.19
CA SER B 86 15.70 -5.89 -32.29
C SER B 86 15.21 -5.80 -30.85
N TYR B 87 16.13 -5.90 -29.87
CA TYR B 87 15.83 -5.86 -28.43
C TYR B 87 15.28 -4.48 -28.01
N GLN B 88 15.72 -3.40 -28.69
CA GLN B 88 15.27 -2.02 -28.41
C GLN B 88 13.76 -1.85 -28.69
N ASP B 89 13.20 -2.62 -29.65
CA ASP B 89 11.80 -2.56 -30.05
C ASP B 89 10.91 -3.52 -29.20
N SER B 90 11.51 -4.52 -28.50
CA SER B 90 10.77 -5.50 -27.72
C SER B 90 10.14 -4.87 -26.46
N LEU B 91 9.11 -5.55 -25.92
CA LEU B 91 8.38 -5.13 -24.71
C LEU B 91 9.15 -5.59 -23.46
N ALA B 92 9.89 -6.73 -23.57
CA ALA B 92 10.70 -7.32 -22.51
C ALA B 92 11.75 -6.34 -21.98
N CYS B 93 12.39 -5.59 -22.89
CA CYS B 93 13.41 -4.59 -22.57
C CYS B 93 12.83 -3.46 -21.71
N ARG B 94 11.63 -2.99 -22.09
CA ARG B 94 10.90 -1.89 -21.44
C ARG B 94 10.53 -2.26 -19.99
N LEU B 95 10.25 -3.56 -19.72
CA LEU B 95 9.93 -4.09 -18.38
C LEU B 95 11.19 -4.19 -17.51
N VAL B 96 12.30 -4.69 -18.10
CA VAL B 96 13.62 -4.82 -17.43
C VAL B 96 14.09 -3.41 -17.06
N PHE B 97 13.80 -2.44 -17.93
CA PHE B 97 14.13 -1.04 -17.72
C PHE B 97 13.23 -0.43 -16.65
N LEU B 98 11.92 -0.81 -16.60
CA LEU B 98 10.98 -0.32 -15.59
C LEU B 98 11.35 -0.88 -14.21
N LEU B 99 11.77 -2.17 -14.16
CA LEU B 99 12.21 -2.84 -12.94
C LEU B 99 13.51 -2.20 -12.44
N GLN B 101 14.45 1.00 -13.01
CA GLN B 101 14.01 2.31 -12.48
C GLN B 101 13.33 2.16 -11.12
N TYR B 102 12.73 0.99 -10.82
CA TYR B 102 12.12 0.74 -9.51
C TYR B 102 13.23 0.50 -8.45
N CYS B 103 14.29 -0.24 -8.83
CA CYS B 103 15.42 -0.55 -7.96
C CYS B 103 16.23 0.73 -7.67
N VAL B 104 16.37 1.64 -8.66
CA VAL B 104 17.08 2.91 -8.47
C VAL B 104 16.33 3.76 -7.40
N ALA B 105 15.00 3.89 -7.51
CA ALA B 105 14.18 4.64 -6.55
C ALA B 105 14.25 4.01 -5.14
N ALA B 106 14.27 2.65 -5.06
CA ALA B 106 14.38 1.89 -3.82
C ALA B 106 15.73 2.15 -3.13
N ASN B 107 16.83 2.24 -3.92
CA ASN B 107 18.17 2.54 -3.40
C ASN B 107 18.15 3.83 -2.59
N TYR B 108 17.51 4.89 -3.15
CA TYR B 108 17.44 6.23 -2.56
C TYR B 108 16.41 6.31 -1.42
N TYR B 109 15.34 5.48 -1.43
CA TYR B 109 14.37 5.57 -0.34
C TYR B 109 14.80 4.63 0.83
N TRP B 110 15.57 3.55 0.54
CA TRP B 110 16.14 2.75 1.62
C TRP B 110 17.34 3.50 2.23
N LEU B 111 17.92 4.45 1.48
CA LEU B 111 18.99 5.32 1.97
C LEU B 111 18.39 6.43 2.85
N LEU B 112 17.10 6.76 2.61
CA LEU B 112 16.35 7.75 3.38
C LEU B 112 15.99 7.16 4.76
N VAL B 113 15.48 5.91 4.81
CA VAL B 113 15.14 5.28 6.09
C VAL B 113 16.44 4.97 6.87
N GLU B 114 17.57 4.81 6.15
CA GLU B 114 18.89 4.57 6.71
C GLU B 114 19.36 5.82 7.49
N GLY B 115 19.02 7.00 6.95
CA GLY B 115 19.28 8.28 7.56
C GLY B 115 18.29 8.56 8.68
N VAL B 116 16.98 8.31 8.44
CA VAL B 116 15.87 8.52 9.40
C VAL B 116 16.11 7.63 10.66
N TYR B 117 16.52 6.36 10.48
CA TYR B 117 16.84 5.46 11.59
C TYR B 117 18.01 6.02 12.42
N LEU B 118 19.12 6.39 11.76
CA LEU B 118 20.32 6.96 12.38
C LEU B 118 19.96 8.17 13.25
N TYR B 119 19.15 9.09 12.72
CA TYR B 119 18.72 10.30 13.41
C TYR B 119 17.94 9.95 14.71
N THR B 120 17.00 8.98 14.64
CA THR B 120 16.22 8.55 15.82
C THR B 120 17.12 7.76 16.82
N LEU B 121 18.17 7.08 16.32
CA LEU B 121 19.15 6.36 17.12
C LEU B 121 19.96 7.34 18.00
N LEU B 122 20.25 8.56 17.46
CA LEU B 122 20.94 9.64 18.15
C LEU B 122 20.03 10.33 19.18
N ALA B 123 18.70 10.24 18.98
CA ALA B 123 17.69 10.88 19.82
C ALA B 123 17.31 10.01 21.06
N PHE B 124 17.47 8.68 20.97
CA PHE B 124 17.11 7.79 22.08
C PHE B 124 18.29 7.68 23.04
N ASN B 125 17.99 7.79 24.34
CA ASN B 125 18.96 7.76 25.43
C ASN B 125 18.32 7.14 26.69
N ILE B 126 19.04 7.17 27.83
CA ILE B 126 18.58 6.65 29.13
C ILE B 126 17.32 7.40 29.61
N PHE B 127 17.25 8.72 29.38
CA PHE B 127 16.13 9.56 29.80
C PHE B 127 14.84 9.15 29.09
N GLU B 128 14.95 8.74 27.81
CA GLU B 128 13.80 8.28 27.02
C GLU B 128 13.47 6.81 27.36
N MET B 129 14.51 6.02 27.74
CA MET B 129 14.39 4.62 28.15
C MET B 129 13.56 4.53 29.44
N LEU B 130 13.96 5.33 30.48
CA LEU B 130 13.30 5.37 31.81
C LEU B 130 11.91 6.00 31.77
N ARG B 131 11.64 6.95 30.85
CA ARG B 131 10.34 7.61 30.74
C ARG B 131 9.27 6.59 30.26
N ILE B 132 9.72 5.54 29.53
CA ILE B 132 8.89 4.45 29.04
C ILE B 132 8.63 3.46 30.17
N ASP B 133 9.69 3.04 30.88
CA ASP B 133 9.60 2.04 31.94
C ASP B 133 8.96 2.58 33.24
N GLU B 134 9.36 3.78 33.72
CA GLU B 134 8.88 4.34 34.99
C GLU B 134 7.54 5.11 34.85
N GLY B 135 7.27 5.69 33.67
CA GLY B 135 6.05 6.46 33.44
C GLY B 135 6.08 7.82 34.11
N LEU B 136 4.93 8.53 34.13
CA LEU B 136 4.86 9.86 34.75
C LEU B 136 3.68 9.99 35.70
N ARG B 137 3.94 10.56 36.89
CA ARG B 137 2.92 10.84 37.90
C ARG B 137 2.86 12.33 38.19
N LEU B 138 1.65 12.89 38.16
CA LEU B 138 1.42 14.31 38.43
C LEU B 138 1.22 14.54 39.94
N LYS B 139 0.50 13.60 40.59
CA LYS B 139 0.18 13.64 42.02
C LYS B 139 0.92 12.54 42.79
N ILE B 140 1.13 12.75 44.12
CA ILE B 140 1.80 11.80 45.03
C ILE B 140 1.00 10.49 45.09
N TYR B 141 1.68 9.33 44.96
CA TYR B 141 1.00 8.03 44.99
C TYR B 141 1.72 7.04 45.93
N LYS B 142 0.94 6.34 46.78
CA LYS B 142 1.45 5.31 47.69
C LYS B 142 1.44 3.98 46.95
N ASP B 143 2.64 3.50 46.53
CA ASP B 143 2.80 2.28 45.74
C ASP B 143 2.74 1.03 46.69
N THR B 144 2.60 -0.18 46.10
CA THR B 144 2.45 -1.48 46.74
C THR B 144 3.48 -1.78 47.86
N GLU B 145 4.70 -1.22 47.76
CA GLU B 145 5.80 -1.49 48.70
C GLU B 145 5.72 -0.56 49.94
N GLY B 146 4.84 0.43 49.89
CA GLY B 146 4.67 1.39 50.98
C GLY B 146 5.42 2.69 50.79
N TYR B 147 6.17 2.82 49.66
CA TYR B 147 6.93 4.02 49.30
C TYR B 147 6.06 5.01 48.52
N TYR B 148 6.11 6.31 48.90
CA TYR B 148 5.38 7.35 48.17
C TYR B 148 6.22 7.76 46.97
N THR B 149 5.61 7.75 45.76
CA THR B 149 6.32 8.07 44.51
C THR B 149 5.57 9.19 43.75
N ILE B 150 6.29 9.91 42.87
CA ILE B 150 5.78 11.00 42.03
C ILE B 150 6.80 11.27 40.89
N GLY B 151 6.34 11.95 39.84
CA GLY B 151 7.17 12.28 38.67
C GLY B 151 7.55 11.07 37.85
N ILE B 152 8.84 10.99 37.44
CA ILE B 152 9.32 9.84 36.70
C ILE B 152 10.16 8.98 37.66
N GLY B 153 9.46 8.06 38.34
CA GLY B 153 10.01 7.09 39.29
C GLY B 153 10.75 7.66 40.49
N HIS B 154 10.33 8.84 40.99
CA HIS B 154 11.01 9.46 42.12
C HIS B 154 10.38 8.99 43.43
N LEU B 155 11.00 7.97 44.06
CA LEU B 155 10.58 7.46 45.36
C LEU B 155 10.98 8.44 46.45
N LEU B 156 10.09 8.70 47.39
CA LEU B 156 10.35 9.63 48.49
C LEU B 156 10.77 8.84 49.75
N THR B 157 9.83 8.56 50.68
CA THR B 157 10.11 7.81 51.91
C THR B 157 9.02 6.73 52.11
N LYS B 158 9.39 5.61 52.75
CA LYS B 158 8.48 4.50 53.03
C LYS B 158 7.55 4.86 54.20
N SER B 159 7.89 5.94 54.95
CA SER B 159 7.12 6.45 56.10
C SER B 159 5.63 6.59 55.75
N PRO B 160 4.73 5.81 56.41
CA PRO B 160 3.30 5.87 56.08
C PRO B 160 2.64 7.14 56.64
N SER B 161 2.88 8.27 55.93
CA SER B 161 2.37 9.60 56.28
C SER B 161 2.41 10.51 55.05
N LEU B 162 1.24 10.73 54.43
CA LEU B 162 1.07 11.58 53.24
C LEU B 162 1.42 13.05 53.57
N ASN B 163 1.13 13.47 54.82
CA ASN B 163 1.41 14.82 55.33
C ASN B 163 2.92 15.06 55.39
N ALA B 164 3.69 14.04 55.83
CA ALA B 164 5.16 14.13 55.91
C ALA B 164 5.79 13.87 54.53
N ALA B 165 5.13 13.05 53.67
CA ALA B 165 5.61 12.77 52.31
C ALA B 165 5.53 14.01 51.44
N LYS B 166 4.46 14.82 51.63
CA LYS B 166 4.26 16.09 50.92
C LYS B 166 5.29 17.12 51.37
N SER B 167 5.66 17.10 52.67
CA SER B 167 6.67 17.99 53.25
C SER B 167 8.08 17.55 52.81
N GLU B 168 8.30 16.22 52.69
CA GLU B 168 9.58 15.65 52.23
C GLU B 168 9.83 16.02 50.79
N LEU B 169 8.74 16.10 49.99
CA LEU B 169 8.78 16.48 48.59
C LEU B 169 8.91 18.01 48.46
N ASP B 170 8.30 18.77 49.41
CA ASP B 170 8.32 20.24 49.45
C ASP B 170 9.75 20.79 49.51
N LYS B 171 10.62 20.17 50.34
CA LYS B 171 12.03 20.56 50.47
C LYS B 171 12.81 20.09 49.23
N ALA B 172 12.36 18.98 48.62
CA ALA B 172 12.98 18.39 47.44
C ALA B 172 12.47 19.04 46.13
N ILE B 173 11.66 20.11 46.20
CA ILE B 173 11.16 20.77 44.98
C ILE B 173 11.42 22.32 45.07
N GLY B 174 11.36 22.88 46.28
CA GLY B 174 11.59 24.31 46.51
C GLY B 174 10.41 25.01 47.16
N ARG B 175 9.25 25.03 46.47
CA ARG B 175 8.02 25.67 46.94
C ARG B 175 7.08 24.65 47.63
N ASN B 176 5.85 25.08 48.00
CA ASN B 176 4.86 24.19 48.62
C ASN B 176 4.24 23.31 47.53
N THR B 177 4.11 22.00 47.81
CA THR B 177 3.62 21.00 46.85
C THR B 177 2.10 21.00 46.70
N ASN B 178 1.35 20.84 47.82
CA ASN B 178 -0.12 20.70 47.88
C ASN B 178 -0.53 19.29 47.40
N GLY B 179 0.27 18.71 46.49
CA GLY B 179 0.05 17.38 45.94
C GLY B 179 0.41 17.29 44.47
N VAL B 180 -0.04 18.27 43.67
CA VAL B 180 0.16 18.33 42.21
C VAL B 180 1.52 19.01 41.90
N ILE B 181 2.35 18.34 41.08
CA ILE B 181 3.67 18.79 40.62
C ILE B 181 3.65 18.81 39.07
N THR B 182 4.04 19.95 38.46
CA THR B 182 4.04 20.17 37.00
C THR B 182 5.05 19.25 36.28
N LYS B 183 4.85 19.08 34.95
CA LYS B 183 5.65 18.27 34.03
C LYS B 183 7.14 18.71 34.02
N ASP B 184 7.40 20.03 34.14
CA ASP B 184 8.78 20.57 34.13
C ASP B 184 9.49 20.27 35.46
N GLU B 185 8.79 20.39 36.60
CA GLU B 185 9.34 20.10 37.92
C GLU B 185 9.70 18.61 38.06
N ALA B 186 8.89 17.72 37.43
CA ALA B 186 9.11 16.28 37.42
C ALA B 186 10.37 15.92 36.60
N GLU B 187 10.59 16.63 35.45
CA GLU B 187 11.76 16.46 34.58
C GLU B 187 13.03 17.00 35.25
N LYS B 188 12.87 18.04 36.10
CA LYS B 188 13.97 18.63 36.89
C LYS B 188 14.43 17.60 37.94
N LEU B 189 13.46 16.99 38.66
CA LEU B 189 13.70 15.95 39.68
C LEU B 189 14.18 14.65 39.02
N PHE B 190 13.76 14.39 37.77
CA PHE B 190 14.18 13.20 37.01
C PHE B 190 15.69 13.29 36.68
N ASN B 191 16.18 14.47 36.22
CA ASN B 191 17.60 14.69 35.93
C ASN B 191 18.45 14.48 37.17
N GLN B 192 17.92 14.86 38.36
CA GLN B 192 18.58 14.70 39.67
C GLN B 192 18.77 13.22 39.98
N ASP B 193 17.69 12.41 39.84
CA ASP B 193 17.67 10.97 40.11
C ASP B 193 18.60 10.19 39.17
N VAL B 194 18.66 10.57 37.87
CA VAL B 194 19.53 9.93 36.87
C VAL B 194 20.99 10.31 37.21
N ASP B 195 21.24 11.57 37.66
CA ASP B 195 22.58 12.02 38.06
C ASP B 195 23.00 11.31 39.34
N ALA B 196 22.02 11.03 40.24
CA ALA B 196 22.22 10.32 41.51
C ALA B 196 22.46 8.84 41.26
N ALA B 197 21.97 8.33 40.12
CA ALA B 197 22.15 6.94 39.73
C ALA B 197 23.54 6.69 39.19
N VAL B 198 24.05 7.60 38.33
CA VAL B 198 25.37 7.44 37.71
C VAL B 198 26.46 7.70 38.77
N ARG B 199 26.23 8.64 39.73
CA ARG B 199 27.22 8.92 40.78
C ARG B 199 27.37 7.71 41.72
N GLY B 200 26.27 6.97 41.94
CA GLY B 200 26.24 5.78 42.76
C GLY B 200 27.03 4.62 42.18
N ILE B 201 26.89 4.38 40.85
CA ILE B 201 27.59 3.34 40.09
C ILE B 201 29.11 3.56 40.19
N LEU B 202 29.57 4.80 39.89
CA LEU B 202 30.97 5.21 39.89
C LEU B 202 31.52 5.30 41.33
N ARG B 203 30.61 5.36 42.34
CA ARG B 203 30.97 5.37 43.77
C ARG B 203 30.88 3.94 44.34
N ASN B 204 30.75 2.92 43.46
CA ASN B 204 30.66 1.50 43.85
C ASN B 204 31.82 0.72 43.23
N ALA B 205 32.48 -0.12 44.04
CA ALA B 205 33.67 -0.91 43.67
C ALA B 205 33.34 -2.05 42.70
N LYS B 206 32.11 -2.58 42.73
CA LYS B 206 31.69 -3.71 41.89
C LYS B 206 30.89 -3.26 40.65
N LEU B 207 30.57 -1.95 40.53
CA LEU B 207 29.76 -1.46 39.41
C LEU B 207 30.56 -0.53 38.49
N LYS B 208 31.56 0.22 39.02
CA LYS B 208 32.37 1.14 38.20
C LYS B 208 33.16 0.35 37.11
N PRO B 209 33.90 -0.77 37.41
CA PRO B 209 34.66 -1.45 36.34
C PRO B 209 33.79 -2.04 35.22
N VAL B 210 32.56 -2.52 35.54
CA VAL B 210 31.70 -3.11 34.52
C VAL B 210 31.03 -1.94 33.71
N TYR B 211 30.65 -0.81 34.35
CA TYR B 211 30.07 0.36 33.68
C TYR B 211 31.06 1.01 32.71
N ASP B 212 32.33 1.15 33.13
CA ASP B 212 33.38 1.77 32.31
C ASP B 212 33.74 0.87 31.10
N SER B 213 33.48 -0.44 31.19
CA SER B 213 33.76 -1.38 30.10
C SER B 213 32.58 -1.45 29.12
N LEU B 214 31.34 -1.19 29.61
CA LEU B 214 30.13 -1.22 28.79
C LEU B 214 30.05 -0.03 27.84
N ASP B 215 29.46 -0.26 26.68
CA ASP B 215 29.15 0.75 25.66
C ASP B 215 27.96 1.58 26.12
N ALA B 216 27.76 2.78 25.53
CA ALA B 216 26.70 3.74 25.91
C ALA B 216 25.30 3.10 26.02
N VAL B 217 24.97 2.13 25.15
CA VAL B 217 23.67 1.47 25.14
C VAL B 217 23.56 0.54 26.36
N ARG B 218 24.56 -0.34 26.57
CA ARG B 218 24.56 -1.28 27.69
C ARG B 218 24.83 -0.54 29.02
N ARG B 219 25.38 0.69 28.98
CA ARG B 219 25.57 1.54 30.16
C ARG B 219 24.22 2.01 30.68
N ALA B 220 23.35 2.47 29.76
CA ALA B 220 21.99 2.92 30.07
C ALA B 220 21.17 1.78 30.69
N ALA B 221 21.43 0.52 30.24
CA ALA B 221 20.77 -0.67 30.80
C ALA B 221 21.19 -0.88 32.26
N LEU B 222 22.48 -0.63 32.60
CA LEU B 222 22.99 -0.76 33.97
C LEU B 222 22.41 0.36 34.85
N ILE B 223 22.37 1.63 34.35
CA ILE B 223 21.80 2.81 35.05
C ILE B 223 20.32 2.56 35.38
N ASN B 224 19.57 1.95 34.42
CA ASN B 224 18.14 1.66 34.53
C ASN B 224 17.85 0.75 35.74
N MET B 225 18.70 -0.27 35.99
CA MET B 225 18.54 -1.18 37.14
C MET B 225 18.74 -0.42 38.47
N VAL B 226 19.78 0.42 38.54
CA VAL B 226 20.16 1.25 39.68
C VAL B 226 19.05 2.26 39.98
N PHE B 227 18.35 2.75 38.94
CA PHE B 227 17.27 3.70 39.10
C PHE B 227 16.07 3.05 39.81
N GLN B 228 15.73 1.81 39.44
CA GLN B 228 14.61 1.07 40.01
C GLN B 228 14.96 0.45 41.39
N MET B 229 16.08 -0.34 41.46
CA MET B 229 16.51 -1.08 42.64
C MET B 229 17.39 -0.22 43.57
N GLY B 230 18.56 0.18 43.09
CA GLY B 230 19.53 0.97 43.85
C GLY B 230 20.96 0.55 43.60
N GLU B 231 21.93 1.38 44.06
CA GLU B 231 23.36 1.14 43.89
C GLU B 231 23.81 -0.16 44.60
N THR B 232 23.47 -0.31 45.91
CA THR B 232 23.85 -1.48 46.72
C THR B 232 23.03 -2.72 46.32
N GLY B 233 21.85 -2.50 45.75
CA GLY B 233 20.96 -3.58 45.31
C GLY B 233 21.43 -4.36 44.09
N VAL B 234 21.82 -3.64 43.00
CA VAL B 234 22.27 -4.27 41.75
C VAL B 234 23.73 -4.78 41.89
N ALA B 235 24.47 -4.27 42.90
CA ALA B 235 25.85 -4.68 43.19
C ALA B 235 25.91 -6.15 43.67
N GLY B 236 24.76 -6.69 44.08
CA GLY B 236 24.61 -8.07 44.52
C GLY B 236 24.65 -9.09 43.39
N PHE B 237 24.36 -8.65 42.14
CA PHE B 237 24.38 -9.50 40.94
C PHE B 237 25.83 -9.83 40.50
N THR B 238 26.68 -10.24 41.45
CA THR B 238 28.10 -10.57 41.26
C THR B 238 28.31 -11.55 40.07
N ASN B 239 27.42 -12.54 39.94
CA ASN B 239 27.47 -13.58 38.92
C ASN B 239 27.27 -12.97 37.49
N SER B 240 26.28 -12.05 37.34
CA SER B 240 25.96 -11.39 36.06
C SER B 240 26.96 -10.29 35.67
N LEU B 241 27.34 -9.43 36.64
CA LEU B 241 28.26 -8.30 36.44
C LEU B 241 29.63 -8.73 35.88
N ARG B 242 30.14 -9.91 36.29
CA ARG B 242 31.46 -10.41 35.84
C ARG B 242 31.41 -10.86 34.36
N MET B 243 30.37 -11.61 33.95
CA MET B 243 30.27 -12.11 32.58
C MET B 243 29.85 -10.95 31.62
N LEU B 244 29.38 -9.79 32.15
CA LEU B 244 29.13 -8.59 31.34
C LEU B 244 30.45 -7.91 31.00
N GLN B 245 31.36 -7.83 31.99
CA GLN B 245 32.70 -7.23 31.89
C GLN B 245 33.58 -8.10 30.95
N GLN B 246 33.27 -9.42 30.86
CA GLN B 246 33.97 -10.39 30.00
C GLN B 246 33.34 -10.44 28.59
N LYS B 247 32.44 -9.48 28.27
CA LYS B 247 31.74 -9.28 26.99
C LYS B 247 30.84 -10.50 26.63
N ARG B 248 30.60 -11.42 27.58
CA ARG B 248 29.74 -12.59 27.35
C ARG B 248 28.29 -12.17 27.62
N TRP B 249 27.62 -11.61 26.59
CA TRP B 249 26.28 -11.04 26.69
C TRP B 249 25.19 -12.12 26.79
N ASP B 250 25.27 -13.15 25.94
CA ASP B 250 24.27 -14.21 25.86
C ASP B 250 24.25 -15.04 27.14
N GLU B 251 25.41 -15.25 27.78
CA GLU B 251 25.50 -16.02 29.01
C GLU B 251 24.90 -15.22 30.18
N ALA B 252 25.10 -13.88 30.17
CA ALA B 252 24.56 -12.97 31.19
C ALA B 252 23.05 -12.80 31.05
N ALA B 253 22.55 -12.88 29.81
CA ALA B 253 21.14 -12.73 29.47
C ALA B 253 20.28 -13.82 30.15
N VAL B 254 20.73 -15.09 30.10
CA VAL B 254 19.98 -16.22 30.69
C VAL B 254 20.19 -16.21 32.24
N ASN B 255 21.33 -15.69 32.74
CA ASN B 255 21.61 -15.63 34.17
C ASN B 255 20.78 -14.52 34.87
N LEU B 256 20.55 -13.37 34.19
CA LEU B 256 19.73 -12.26 34.71
C LEU B 256 18.24 -12.63 34.79
N ALA B 257 17.81 -13.64 34.00
CA ALA B 257 16.45 -14.15 34.01
C ALA B 257 16.19 -14.98 35.26
N LYS B 258 17.25 -15.60 35.80
CA LYS B 258 17.25 -16.44 37.01
C LYS B 258 17.37 -15.55 38.27
N SER B 259 16.82 -14.31 38.21
CA SER B 259 16.90 -13.33 39.28
C SER B 259 15.55 -13.05 39.94
N ARG B 260 15.60 -12.37 41.11
CA ARG B 260 14.42 -11.93 41.85
C ARG B 260 13.77 -10.77 41.08
N TRP B 261 14.61 -9.91 40.46
CA TRP B 261 14.25 -8.76 39.66
C TRP B 261 13.43 -9.17 38.42
N TYR B 262 13.83 -10.28 37.74
CA TYR B 262 13.12 -10.75 36.55
C TYR B 262 11.74 -11.29 36.90
N ASN B 263 11.59 -11.97 38.06
CA ASN B 263 10.30 -12.55 38.45
C ASN B 263 9.38 -11.49 39.12
N GLN B 264 9.96 -10.41 39.70
CA GLN B 264 9.18 -9.36 40.37
C GLN B 264 8.55 -8.43 39.32
N THR B 265 9.38 -7.88 38.41
CA THR B 265 8.96 -7.00 37.31
C THR B 265 9.47 -7.63 35.99
N PRO B 266 8.69 -8.55 35.38
CA PRO B 266 9.21 -9.28 34.21
C PRO B 266 9.20 -8.48 32.90
N ASN B 267 8.20 -7.62 32.67
CA ASN B 267 8.10 -6.86 31.42
C ASN B 267 9.21 -5.82 31.31
N ARG B 268 9.63 -5.22 32.45
CA ARG B 268 10.70 -4.23 32.49
C ARG B 268 12.07 -4.91 32.35
N ALA B 269 12.27 -6.05 33.04
CA ALA B 269 13.54 -6.79 33.03
C ALA B 269 13.86 -7.33 31.63
N LYS B 270 12.87 -7.91 30.91
CA LYS B 270 13.03 -8.47 29.56
C LYS B 270 13.59 -7.41 28.60
N ARG B 271 13.12 -6.15 28.73
CA ARG B 271 13.60 -5.04 27.92
C ARG B 271 15.06 -4.66 28.25
N VAL B 272 15.41 -4.62 29.56
CA VAL B 272 16.76 -4.26 30.01
C VAL B 272 17.76 -5.37 29.63
N ILE B 273 17.38 -6.66 29.80
CA ILE B 273 18.21 -7.83 29.50
C ILE B 273 18.48 -7.91 27.96
N THR B 274 17.48 -7.58 27.11
CA THR B 274 17.65 -7.57 25.65
C THR B 274 18.69 -6.51 25.26
N THR B 275 18.64 -5.32 25.91
CA THR B 275 19.55 -4.20 25.67
C THR B 275 21.00 -4.62 26.06
N PHE B 276 21.16 -5.46 27.12
CA PHE B 276 22.48 -5.99 27.49
C PHE B 276 22.96 -7.03 26.49
N ARG B 277 22.04 -7.87 26.00
CA ARG B 277 22.34 -8.98 25.10
C ARG B 277 22.71 -8.48 23.68
N THR B 278 21.99 -7.45 23.18
CA THR B 278 22.15 -6.96 21.81
C THR B 278 22.95 -5.65 21.70
N GLY B 279 22.87 -4.79 22.72
CA GLY B 279 23.51 -3.48 22.69
C GLY B 279 22.77 -2.51 21.79
N THR B 280 21.45 -2.74 21.60
CA THR B 280 20.55 -1.92 20.78
C THR B 280 19.34 -1.47 21.62
N TRP B 281 18.47 -0.62 21.05
CA TRP B 281 17.25 -0.13 21.70
C TRP B 281 15.98 -0.82 21.15
N ASP B 282 16.14 -1.99 20.46
CA ASP B 282 15.06 -2.73 19.79
C ASP B 282 13.94 -3.19 20.77
N ALA B 283 14.25 -3.44 22.05
CA ALA B 283 13.23 -3.86 23.04
C ALA B 283 12.34 -2.66 23.47
N TYR B 284 12.69 -1.44 23.05
CA TYR B 284 11.97 -0.20 23.31
C TYR B 284 11.38 0.37 22.00
N SER B 285 11.67 -0.29 20.86
CA SER B 285 11.17 0.09 19.53
C SER B 285 9.81 -0.54 19.25
N GLU B 286 8.91 0.21 18.60
CA GLU B 286 7.58 -0.27 18.25
C GLU B 286 7.62 -1.02 16.92
N GLN B 287 6.89 -2.15 16.84
CA GLN B 287 6.83 -3.04 15.67
C GLN B 287 6.26 -2.37 14.39
N TRP B 288 5.47 -1.29 14.54
CA TRP B 288 4.87 -0.61 13.39
C TRP B 288 5.88 0.30 12.68
N ILE B 289 6.93 0.74 13.39
CA ILE B 289 7.99 1.64 12.88
C ILE B 289 8.75 0.95 11.72
N PHE B 290 9.15 -0.32 11.88
CA PHE B 290 9.87 -1.03 10.82
C PHE B 290 8.94 -1.24 9.60
N ARG B 291 7.62 -1.42 9.83
CA ARG B 291 6.63 -1.59 8.77
C ARG B 291 6.45 -0.29 7.99
N LEU B 292 6.80 0.84 8.60
CA LEU B 292 6.72 2.15 7.96
C LEU B 292 7.98 2.37 7.10
N TYR B 293 9.15 1.80 7.51
CA TYR B 293 10.37 1.90 6.72
C TYR B 293 10.24 1.10 5.41
N VAL B 294 9.64 -0.10 5.46
CA VAL B 294 9.45 -0.97 4.29
C VAL B 294 8.40 -0.31 3.34
N ALA B 295 7.49 0.52 3.90
CA ALA B 295 6.49 1.26 3.12
C ALA B 295 7.15 2.45 2.40
N ILE B 296 8.30 2.94 2.93
CA ILE B 296 9.03 4.05 2.32
C ILE B 296 9.98 3.47 1.25
N GLY B 297 10.82 2.52 1.64
CA GLY B 297 11.79 1.90 0.74
C GLY B 297 11.24 1.17 -0.46
N TRP B 298 10.17 0.36 -0.29
CA TRP B 298 9.59 -0.41 -1.41
C TRP B 298 8.21 0.15 -1.87
N GLY B 299 7.52 0.88 -0.99
CA GLY B 299 6.21 1.43 -1.26
C GLY B 299 6.19 2.74 -2.03
N VAL B 300 6.91 3.76 -1.55
CA VAL B 300 6.96 5.08 -2.21
C VAL B 300 7.54 4.93 -3.68
N PRO B 301 8.66 4.20 -3.97
CA PRO B 301 9.11 4.08 -5.37
C PRO B 301 8.00 3.64 -6.33
N LEU B 302 7.15 2.69 -5.92
CA LEU B 302 6.06 2.15 -6.72
C LEU B 302 4.99 3.23 -7.09
N LEU B 303 4.83 4.25 -6.23
CA LEU B 303 3.88 5.35 -6.32
C LEU B 303 4.29 6.38 -7.42
N PHE B 304 5.57 6.41 -7.86
CA PHE B 304 5.96 7.36 -8.92
C PHE B 304 6.63 6.64 -10.13
N VAL B 305 7.13 5.39 -9.94
CA VAL B 305 7.76 4.63 -11.03
C VAL B 305 6.68 4.01 -11.93
N VAL B 306 5.55 3.50 -11.37
CA VAL B 306 4.56 2.89 -12.28
C VAL B 306 3.85 4.03 -13.08
N PRO B 307 3.48 5.24 -12.53
CA PRO B 307 2.83 6.27 -13.39
C PRO B 307 3.79 6.80 -14.47
N TRP B 308 5.12 6.69 -14.23
CA TRP B 308 6.15 7.02 -15.20
C TRP B 308 6.12 6.02 -16.34
N GLY B 309 6.00 4.74 -15.99
CA GLY B 309 5.91 3.63 -16.94
C GLY B 309 4.66 3.67 -17.79
N ILE B 310 3.51 4.06 -17.21
CA ILE B 310 2.20 4.13 -17.88
C ILE B 310 2.22 5.26 -18.94
N VAL B 311 2.74 6.46 -18.58
CA VAL B 311 2.82 7.61 -19.49
C VAL B 311 3.92 7.35 -20.53
N LYS B 312 5.03 6.68 -20.12
CA LYS B 312 6.12 6.32 -21.03
C LYS B 312 5.80 4.96 -21.71
N TYR B 313 4.59 4.83 -22.23
CA TYR B 313 4.07 3.67 -22.96
C TYR B 313 2.92 4.15 -23.82
N LEU B 314 2.03 4.96 -23.22
CA LEU B 314 0.88 5.50 -23.89
C LEU B 314 1.22 6.76 -24.69
N TYR B 315 2.10 7.63 -24.15
CA TYR B 315 2.37 8.90 -24.80
C TYR B 315 3.84 9.01 -25.31
N GLU B 316 4.78 8.18 -24.80
CA GLU B 316 6.17 8.12 -25.28
C GLU B 316 6.65 6.67 -25.30
N ASP B 317 6.96 6.14 -26.49
CA ASP B 317 7.40 4.75 -26.64
C ASP B 317 8.36 4.67 -27.84
N GLU B 318 9.69 4.75 -27.58
CA GLU B 318 10.69 4.71 -28.64
C GLU B 318 12.06 4.21 -28.11
N GLY B 319 12.37 2.94 -28.39
CA GLY B 319 13.62 2.30 -28.03
C GLY B 319 13.84 2.11 -26.54
N CYS B 320 12.95 1.33 -25.88
CA CYS B 320 12.93 1.02 -24.43
C CYS B 320 12.80 2.31 -23.61
N TRP B 321 12.33 3.38 -24.28
CA TRP B 321 12.10 4.72 -23.75
C TRP B 321 13.47 5.38 -23.45
N THR B 322 14.42 5.22 -24.41
CA THR B 322 15.75 5.82 -24.37
C THR B 322 15.65 7.29 -24.77
N ARG B 323 14.63 7.62 -25.61
CA ARG B 323 14.35 8.99 -26.05
C ARG B 323 13.49 9.68 -24.98
N ASN B 324 14.06 9.87 -23.78
CA ASN B 324 13.42 10.55 -22.64
C ASN B 324 13.65 12.07 -22.75
N SER B 325 13.36 12.62 -23.95
CA SER B 325 13.53 14.02 -24.32
C SER B 325 12.31 14.51 -25.13
N ASN B 326 11.17 14.76 -24.44
CA ASN B 326 9.95 15.23 -25.12
C ASN B 326 9.06 16.06 -24.17
N MET B 327 8.73 15.54 -22.97
CA MET B 327 7.84 16.32 -22.08
C MET B 327 8.19 16.08 -20.57
N ASN B 328 7.24 16.46 -19.68
CA ASN B 328 7.20 16.46 -18.21
C ASN B 328 7.27 15.01 -17.60
N TYR B 329 7.40 13.98 -18.44
CA TYR B 329 7.39 12.58 -18.00
C TYR B 329 8.75 12.16 -17.40
N TRP B 330 9.84 12.88 -17.75
CA TRP B 330 11.18 12.66 -17.19
C TRP B 330 11.26 13.28 -15.80
N LEU B 331 10.44 14.31 -15.59
CA LEU B 331 10.36 15.12 -14.39
C LEU B 331 9.54 14.43 -13.26
N ILE B 332 8.80 13.35 -13.58
CA ILE B 332 8.02 12.66 -12.56
C ILE B 332 8.83 11.45 -12.02
N ILE B 333 10.03 11.22 -12.58
CA ILE B 333 10.92 10.16 -12.12
C ILE B 333 12.21 10.81 -11.49
N ARG B 334 12.44 12.10 -11.76
CA ARG B 334 13.60 12.85 -11.26
C ARG B 334 13.24 13.82 -10.08
N LEU B 335 11.94 14.22 -9.93
CA LEU B 335 11.52 15.07 -8.81
C LEU B 335 11.41 14.27 -7.48
N PRO B 336 11.01 12.98 -7.47
CA PRO B 336 10.88 12.31 -6.18
C PRO B 336 12.25 11.85 -5.64
N ILE B 337 13.20 11.51 -6.55
CA ILE B 337 14.57 11.12 -6.16
C ILE B 337 15.32 12.38 -5.67
N LEU B 338 15.03 13.58 -6.25
CA LEU B 338 15.61 14.85 -5.79
C LEU B 338 15.10 15.19 -4.38
N PHE B 339 13.80 14.89 -4.10
CA PHE B 339 13.16 15.08 -2.79
C PHE B 339 13.81 14.16 -1.73
N ALA B 340 14.13 12.91 -2.08
CA ALA B 340 14.79 11.96 -1.18
C ALA B 340 16.24 12.38 -0.90
N CYS B 341 16.87 13.10 -1.86
CA CYS B 341 18.26 13.54 -1.73
C CYS B 341 18.32 14.86 -0.96
N ILE B 342 17.39 15.79 -1.18
CA ILE B 342 17.33 17.06 -0.45
C ILE B 342 17.09 16.76 1.04
N VAL B 343 16.16 15.84 1.38
CA VAL B 343 15.89 15.51 2.78
C VAL B 343 17.08 14.70 3.35
N ASN B 344 17.75 13.83 2.54
CA ASN B 344 18.94 13.09 3.01
C ASN B 344 20.10 14.04 3.34
N PHE B 345 20.23 15.17 2.61
CA PHE B 345 21.27 16.13 2.93
C PHE B 345 20.87 16.97 4.14
N LEU B 346 19.56 17.18 4.39
CA LEU B 346 19.11 17.89 5.60
C LEU B 346 19.40 17.03 6.84
N ILE B 347 19.27 15.69 6.71
CA ILE B 347 19.59 14.74 7.79
C ILE B 347 21.10 14.72 7.98
N PHE B 348 21.87 14.58 6.87
CA PHE B 348 23.32 14.60 6.85
C PHE B 348 23.88 15.75 7.69
N VAL B 349 23.40 17.00 7.45
CA VAL B 349 23.84 18.22 8.14
C VAL B 349 23.42 18.16 9.63
N ARG B 350 22.17 17.74 9.92
CA ARG B 350 21.66 17.72 11.30
C ARG B 350 22.37 16.61 12.13
N VAL B 351 22.62 15.41 11.55
CA VAL B 351 23.32 14.30 12.20
C VAL B 351 24.74 14.77 12.60
N ILE B 352 25.43 15.52 11.73
CA ILE B 352 26.77 16.04 12.02
C ILE B 352 26.71 17.01 13.24
N CYS B 353 25.66 17.88 13.34
CA CYS B 353 25.49 18.81 14.48
C CYS B 353 25.32 18.02 15.79
N ILE B 354 24.59 16.89 15.76
CA ILE B 354 24.31 16.05 16.93
C ILE B 354 25.56 15.25 17.33
N VAL B 355 26.24 14.61 16.36
CA VAL B 355 27.41 13.77 16.61
C VAL B 355 28.56 14.62 17.21
N VAL B 356 28.84 15.83 16.66
CA VAL B 356 29.92 16.70 17.16
C VAL B 356 29.54 17.23 18.56
N SER B 357 28.22 17.36 18.88
CA SER B 357 27.75 17.81 20.20
C SER B 357 27.98 16.74 21.25
N LYS B 358 27.57 15.49 20.95
CA LYS B 358 27.66 14.35 21.85
C LYS B 358 29.14 13.95 22.09
N LEU B 359 30.02 14.13 21.08
CA LEU B 359 31.45 13.82 21.25
C LEU B 359 32.13 14.86 22.17
N LYS B 360 31.87 16.18 21.95
CA LYS B 360 32.45 17.28 22.74
C LYS B 360 31.94 17.26 24.19
N ALA B 361 30.66 16.86 24.40
CA ALA B 361 30.03 16.83 25.71
C ALA B 361 30.35 15.53 26.49
N ASN B 362 31.13 14.61 25.87
CA ASN B 362 31.56 13.27 26.34
C ASN B 362 30.33 12.34 26.56
N LEU B 363 29.23 12.59 25.83
CA LEU B 363 28.02 11.76 25.85
C LEU B 363 28.16 10.57 24.88
N MET B 364 29.21 10.60 24.02
CA MET B 364 29.48 9.55 23.04
C MET B 364 30.97 9.36 22.80
N CYS B 365 31.41 8.09 22.67
CA CYS B 365 32.75 7.71 22.26
C CYS B 365 32.68 7.24 20.80
N LYS B 366 33.79 7.31 20.07
CA LYS B 366 33.82 6.92 18.65
C LYS B 366 33.73 5.39 18.44
N THR B 367 33.73 4.64 19.54
CA THR B 367 33.67 3.17 19.53
C THR B 367 32.20 2.69 19.56
N ASP B 368 31.22 3.63 19.71
CA ASP B 368 29.79 3.32 19.83
C ASP B 368 29.13 3.19 18.45
N ILE B 369 28.08 2.34 18.37
CA ILE B 369 27.30 2.00 17.16
C ILE B 369 26.81 3.26 16.44
N ALA B 370 26.27 4.25 17.18
CA ALA B 370 25.72 5.48 16.63
C ALA B 370 26.80 6.30 15.89
N PHE B 371 28.07 6.20 16.30
CA PHE B 371 29.14 6.94 15.64
C PHE B 371 29.62 6.20 14.39
N ARG B 372 29.85 4.88 14.50
CA ARG B 372 30.32 4.03 13.40
C ARG B 372 29.26 3.93 12.29
N LEU B 373 27.95 3.88 12.67
CA LEU B 373 26.85 3.85 11.72
C LEU B 373 26.78 5.19 10.99
N ALA B 374 27.02 6.31 11.73
CA ALA B 374 27.06 7.66 11.16
C ALA B 374 28.25 7.81 10.21
N LYS B 375 29.36 7.16 10.56
CA LYS B 375 30.61 7.18 9.82
C LYS B 375 30.42 6.51 8.42
N SER B 376 29.46 5.56 8.27
CA SER B 376 29.15 4.91 6.98
C SER B 376 27.98 5.58 6.23
N THR B 377 26.94 6.00 6.98
CA THR B 377 25.73 6.62 6.43
C THR B 377 26.04 8.01 5.87
N LEU B 378 26.79 8.84 6.62
CA LEU B 378 27.17 10.19 6.19
C LEU B 378 28.12 10.14 4.98
N THR B 379 28.74 8.97 4.69
CA THR B 379 29.62 8.78 3.53
C THR B 379 28.77 8.49 2.29
N LEU B 380 27.77 7.57 2.42
CA LEU B 380 26.90 7.11 1.32
C LEU B 380 25.88 8.17 0.88
N ILE B 381 25.43 9.07 1.79
CA ILE B 381 24.46 10.13 1.41
C ILE B 381 25.12 11.04 0.35
N PRO B 382 26.31 11.70 0.56
CA PRO B 382 26.87 12.53 -0.52
C PRO B 382 27.47 11.71 -1.66
N LEU B 383 27.66 10.41 -1.47
CA LEU B 383 28.22 9.51 -2.50
C LEU B 383 27.17 9.21 -3.57
N LEU B 384 25.90 9.04 -3.15
CA LEU B 384 24.79 8.69 -4.03
C LEU B 384 23.90 9.89 -4.38
N CYS B 385 23.82 10.92 -3.53
CA CYS B 385 22.87 12.01 -3.76
C CYS B 385 23.55 13.32 -4.21
N THR B 386 24.89 13.43 -4.35
CA THR B 386 25.44 14.73 -4.72
C THR B 386 25.19 14.98 -6.23
N HIS B 387 25.43 13.98 -7.12
CA HIS B 387 25.21 14.12 -8.56
C HIS B 387 23.77 14.58 -8.85
N GLU B 388 22.75 13.95 -8.21
CA GLU B 388 21.32 14.25 -8.38
C GLU B 388 20.99 15.72 -7.99
N VAL B 389 21.66 16.28 -6.97
CA VAL B 389 21.36 17.65 -6.52
C VAL B 389 22.08 18.67 -7.46
N ILE B 390 23.34 18.41 -7.85
CA ILE B 390 24.14 19.29 -8.73
C ILE B 390 23.48 19.42 -10.13
N PHE B 391 23.13 18.29 -10.79
CA PHE B 391 22.53 18.28 -12.12
C PHE B 391 20.99 18.02 -12.03
N ALA B 392 20.33 18.66 -11.04
CA ALA B 392 18.92 18.51 -10.66
C ALA B 392 17.95 18.63 -11.85
N PHE B 393 18.10 19.65 -12.72
CA PHE B 393 17.15 19.80 -13.82
C PHE B 393 17.89 19.87 -15.17
N VAL B 394 18.87 18.97 -15.36
CA VAL B 394 19.65 18.89 -16.59
C VAL B 394 19.27 17.57 -17.31
N MET B 395 18.54 17.69 -18.46
CA MET B 395 18.08 16.56 -19.27
C MET B 395 19.18 16.12 -20.23
N ARG B 404 35.34 15.59 -23.85
CA ARG B 404 34.67 15.63 -22.55
C ARG B 404 33.70 14.45 -22.38
N PHE B 405 33.33 13.77 -23.50
CA PHE B 405 32.42 12.62 -23.53
C PHE B 405 33.04 11.39 -22.83
N ILE B 406 34.39 11.30 -22.84
CA ILE B 406 35.15 10.22 -22.19
C ILE B 406 35.18 10.47 -20.68
N LYS B 407 35.40 11.75 -20.27
CA LYS B 407 35.46 12.17 -18.87
C LYS B 407 34.10 12.06 -18.16
N LEU B 408 32.97 12.27 -18.88
CA LEU B 408 31.63 12.17 -18.27
C LEU B 408 31.26 10.67 -18.16
N PHE B 409 31.81 9.82 -19.06
CA PHE B 409 31.57 8.38 -19.08
C PHE B 409 32.23 7.66 -17.87
N THR B 410 32.82 8.44 -16.92
CA THR B 410 33.42 7.93 -15.67
C THR B 410 32.32 7.82 -14.59
N GLU B 411 31.06 8.20 -14.95
CA GLU B 411 29.87 8.08 -14.11
C GLU B 411 29.47 6.60 -14.06
N LEU B 412 29.75 5.88 -15.17
CA LEU B 412 29.51 4.45 -15.36
C LEU B 412 30.33 3.61 -14.38
N SER B 413 31.51 4.09 -13.96
CA SER B 413 32.36 3.37 -13.02
C SER B 413 31.82 3.49 -11.58
N PHE B 414 31.33 4.68 -11.18
CA PHE B 414 30.81 4.85 -9.82
C PHE B 414 29.42 4.24 -9.66
N THR B 415 28.53 4.27 -10.69
CA THR B 415 27.19 3.68 -10.52
C THR B 415 27.28 2.13 -10.50
N SER B 416 28.35 1.54 -11.06
CA SER B 416 28.53 0.09 -11.08
C SER B 416 29.09 -0.41 -9.75
N PHE B 417 30.15 0.25 -9.23
CA PHE B 417 30.81 -0.10 -7.97
C PHE B 417 30.01 0.41 -6.74
N GLN B 418 28.94 1.16 -6.98
CA GLN B 418 28.03 1.78 -6.01
C GLN B 418 27.55 0.75 -4.97
N GLY B 419 27.20 -0.45 -5.44
CA GLY B 419 26.76 -1.56 -4.60
C GLY B 419 27.86 -2.15 -3.75
N LEU B 420 29.08 -2.29 -4.32
CA LEU B 420 30.25 -2.84 -3.64
C LEU B 420 30.60 -2.04 -2.38
N MET B 421 30.60 -0.68 -2.46
CA MET B 421 30.97 0.14 -1.30
C MET B 421 29.83 0.13 -0.25
N VAL B 422 28.57 -0.15 -0.63
CA VAL B 422 27.46 -0.29 0.33
C VAL B 422 27.74 -1.55 1.19
N ALA B 423 28.20 -2.64 0.55
CA ALA B 423 28.56 -3.92 1.19
C ALA B 423 29.77 -3.76 2.08
N ILE B 424 30.76 -2.94 1.66
CA ILE B 424 31.99 -2.66 2.43
C ILE B 424 31.62 -1.89 3.73
N LEU B 425 31.06 -0.67 3.57
CA LEU B 425 30.75 0.26 4.66
C LEU B 425 29.69 -0.28 5.64
N TYR B 426 28.73 -1.12 5.17
CA TYR B 426 27.70 -1.62 6.07
C TYR B 426 27.89 -3.10 6.45
N CYS B 427 29.00 -3.76 6.07
CA CYS B 427 29.15 -5.15 6.49
C CYS B 427 30.63 -5.51 6.74
N PHE B 428 31.50 -5.49 5.71
CA PHE B 428 32.87 -5.99 5.80
C PHE B 428 33.76 -5.13 6.75
N VAL B 429 33.52 -3.81 6.92
CA VAL B 429 34.36 -3.01 7.82
C VAL B 429 33.60 -2.80 9.18
N ASN B 430 32.41 -3.40 9.32
CA ASN B 430 31.60 -3.38 10.55
C ASN B 430 32.33 -4.17 11.66
N ASN B 431 32.42 -3.60 12.87
CA ASN B 431 33.15 -4.26 13.96
C ASN B 431 32.39 -5.48 14.50
N GLU B 432 31.04 -5.45 14.50
CA GLU B 432 30.23 -6.55 15.02
C GLU B 432 30.40 -7.83 14.17
N VAL B 433 30.45 -7.72 12.81
CA VAL B 433 30.59 -8.90 11.95
C VAL B 433 31.99 -9.51 12.15
N GLN B 434 33.03 -8.67 12.34
CA GLN B 434 34.41 -9.10 12.55
C GLN B 434 34.53 -9.88 13.87
N LEU B 435 33.68 -9.55 14.88
CA LEU B 435 33.61 -10.27 16.16
C LEU B 435 33.07 -11.67 15.94
N GLU B 436 32.05 -11.80 15.08
CA GLU B 436 31.37 -13.05 14.76
C GLU B 436 32.28 -14.02 13.99
N PHE B 437 33.15 -13.50 13.08
CA PHE B 437 34.08 -14.36 12.34
C PHE B 437 35.16 -14.91 13.27
N ARG B 438 35.71 -14.06 14.17
CA ARG B 438 36.73 -14.48 15.14
C ARG B 438 36.11 -15.41 16.20
N LYS B 439 34.87 -15.12 16.65
CA LYS B 439 34.15 -15.93 17.63
C LYS B 439 33.85 -17.32 17.04
N SER B 440 33.51 -17.40 15.73
CA SER B 440 33.24 -18.66 15.04
C SER B 440 34.53 -19.46 14.79
N TRP B 441 35.65 -18.75 14.46
CA TRP B 441 36.96 -19.35 14.22
C TRP B 441 37.55 -19.91 15.50
N GLU B 442 37.22 -19.28 16.65
CA GLU B 442 37.70 -19.72 17.96
C GLU B 442 36.95 -21.00 18.39
N ARG B 443 35.65 -21.12 18.01
CA ARG B 443 34.82 -22.29 18.31
C ARG B 443 35.27 -23.50 17.49
N TRP B 444 35.84 -23.26 16.28
CA TRP B 444 36.38 -24.29 15.39
C TRP B 444 37.58 -24.98 16.03
N ARG B 445 38.42 -24.19 16.73
CA ARG B 445 39.61 -24.67 17.45
C ARG B 445 39.17 -25.38 18.75
N LEU B 446 38.34 -24.70 19.56
CA LEU B 446 37.83 -25.24 20.83
C LEU B 446 36.53 -26.01 20.61
#